data_4XGS
#
_entry.id   4XGS
#
_cell.length_a   129.025
_cell.length_b   129.025
_cell.length_c   172.750
_cell.angle_alpha   90.00
_cell.angle_beta   90.00
_cell.angle_gamma   90.00
#
_symmetry.space_group_name_H-M   'I 4'
#
loop_
_entity.id
_entity.type
_entity.pdbx_description
1 polymer Ferritin
2 non-polymer 'HYDROXY DIIRON-OXO MOIETY'
3 non-polymer 'SULFATE ION'
4 non-polymer GLYCEROL
5 water water
#
_entity_poly.entity_id   1
_entity_poly.type   'polypeptide(L)'
_entity_poly.pdbx_seq_one_letter_code
;HLKPEMIEKLNEQMNLELYSSLLYQQMSAWCSYHTFEGAAAFLRRHAQEEMTHMQRLFDYLTDTGNLPRINTVESPFAEY
SSLDELFQETYKLEQLITQKINELAHAAMTNQDYPTFNFLQWYVSEQHEEEKLFKSIIDKLSLAGKSGEGLYFIDKELST
LDTQN
;
_entity_poly.pdbx_strand_id   A,B,C,D,E,F
#
loop_
_chem_comp.id
_chem_comp.type
_chem_comp.name
_chem_comp.formula
GOL non-polymer GLYCEROL 'C3 H8 O3'
OFO non-polymer 'HYDROXY DIIRON-OXO MOIETY' 'Fe2 H O2'
SO4 non-polymer 'SULFATE ION' 'O4 S -2'
#
# COMPACT_ATOMS: atom_id res chain seq x y z
N HIS A 1 44.78 -18.25 8.59
CA HIS A 1 45.10 -18.92 7.29
C HIS A 1 44.13 -20.12 7.02
N LEU A 2 43.59 -20.13 5.79
CA LEU A 2 42.58 -21.05 5.31
C LEU A 2 43.24 -22.22 4.54
N LYS A 3 42.52 -23.30 4.26
CA LYS A 3 43.06 -24.36 3.43
C LYS A 3 43.05 -23.90 1.97
N PRO A 4 44.01 -24.40 1.17
CA PRO A 4 44.10 -24.02 -0.24
C PRO A 4 42.80 -24.17 -1.05
N GLU A 5 42.04 -25.24 -0.80
CA GLU A 5 40.83 -25.46 -1.49
C GLU A 5 39.82 -24.26 -1.26
N MET A 6 39.73 -23.77 -0.02
CA MET A 6 38.78 -22.71 0.34
C MET A 6 39.25 -21.35 -0.26
N ILE A 7 40.55 -21.10 -0.19
CA ILE A 7 41.15 -19.92 -0.79
C ILE A 7 40.80 -19.83 -2.27
N GLU A 8 40.97 -20.93 -3.02
CA GLU A 8 40.59 -21.00 -4.40
C GLU A 8 39.08 -20.90 -4.64
N LYS A 9 38.23 -21.59 -3.90
CA LYS A 9 36.82 -21.42 -4.13
C LYS A 9 36.34 -20.00 -3.79
N LEU A 10 36.89 -19.42 -2.74
CA LEU A 10 36.57 -18.02 -2.44
C LEU A 10 37.03 -17.08 -3.59
N ASN A 11 38.26 -17.29 -4.05
CA ASN A 11 38.83 -16.46 -5.10
C ASN A 11 37.97 -16.58 -6.34
N GLU A 12 37.52 -17.79 -6.62
CA GLU A 12 36.67 -18.04 -7.81
C GLU A 12 35.32 -17.34 -7.68
N GLN A 13 34.74 -17.39 -6.47
CA GLN A 13 33.46 -16.73 -6.27
C GLN A 13 33.58 -15.22 -6.39
N MET A 14 34.70 -14.67 -5.90
N MET A 14 34.69 -14.66 -5.88
CA MET A 14 34.95 -13.24 -6.02
CA MET A 14 34.93 -13.23 -6.03
C MET A 14 34.93 -12.82 -7.51
C MET A 14 34.86 -12.86 -7.52
N ASN A 15 35.53 -13.65 -8.36
CA ASN A 15 35.57 -13.41 -9.79
C ASN A 15 34.25 -13.63 -10.46
N LEU A 16 33.44 -14.58 -9.98
CA LEU A 16 32.06 -14.66 -10.46
C LEU A 16 31.20 -13.41 -10.13
N GLU A 17 31.31 -12.90 -8.88
CA GLU A 17 30.61 -11.70 -8.50
C GLU A 17 31.01 -10.50 -9.41
N LEU A 18 32.31 -10.34 -9.66
CA LEU A 18 32.80 -9.28 -10.56
C LEU A 18 32.16 -9.44 -11.98
N TYR A 19 32.28 -10.65 -12.50
CA TYR A 19 31.64 -11.03 -13.77
C TYR A 19 30.17 -10.68 -13.77
N SER A 20 29.50 -11.01 -12.69
CA SER A 20 28.10 -10.72 -12.61
C SER A 20 27.83 -9.22 -12.65
N SER A 21 28.64 -8.46 -11.91
CA SER A 21 28.49 -6.99 -11.95
C SER A 21 28.56 -6.46 -13.44
N LEU A 22 29.56 -6.91 -14.17
CA LEU A 22 29.81 -6.48 -15.50
C LEU A 22 28.72 -7.00 -16.43
N LEU A 23 28.17 -8.19 -16.18
CA LEU A 23 27.09 -8.69 -17.05
C LEU A 23 25.88 -7.80 -16.88
N TYR A 24 25.60 -7.42 -15.65
CA TYR A 24 24.45 -6.56 -15.40
C TYR A 24 24.67 -5.18 -16.04
N GLN A 25 25.87 -4.65 -15.96
CA GLN A 25 26.18 -3.38 -16.59
C GLN A 25 26.00 -3.55 -18.11
N GLN A 26 26.47 -4.68 -18.67
CA GLN A 26 26.34 -4.91 -20.12
C GLN A 26 24.87 -5.08 -20.51
N MET A 27 24.09 -5.77 -19.68
CA MET A 27 22.67 -5.90 -19.94
C MET A 27 21.96 -4.54 -19.90
N SER A 28 22.39 -3.64 -19.00
CA SER A 28 21.80 -2.32 -18.97
C SER A 28 21.97 -1.60 -20.31
N ALA A 29 23.12 -1.77 -20.97
CA ALA A 29 23.35 -1.19 -22.31
C ALA A 29 22.36 -1.70 -23.34
N TRP A 30 22.20 -3.03 -23.42
CA TRP A 30 21.14 -3.63 -24.25
C TRP A 30 19.78 -2.97 -24.02
N CYS A 31 19.39 -2.89 -22.76
CA CYS A 31 18.14 -2.29 -22.39
C CYS A 31 18.05 -0.86 -22.93
N SER A 32 19.09 -0.04 -22.72
CA SER A 32 19.03 1.38 -23.16
C SER A 32 18.88 1.44 -24.63
N TYR A 33 19.69 0.64 -25.29
CA TYR A 33 19.69 0.59 -26.75
C TYR A 33 18.32 0.16 -27.29
N HIS A 34 17.59 -0.69 -26.54
CA HIS A 34 16.23 -1.14 -26.99
C HIS A 34 15.14 -0.34 -26.37
N THR A 35 15.54 0.77 -25.77
CA THR A 35 14.64 1.80 -25.28
C THR A 35 14.05 1.43 -23.94
N PHE A 36 14.48 0.34 -23.29
CA PHE A 36 13.98 0.04 -21.91
C PHE A 36 14.85 0.69 -20.83
N GLU A 37 14.67 1.99 -20.72
CA GLU A 37 15.44 2.90 -19.87
C GLU A 37 15.31 2.60 -18.35
N GLY A 38 14.12 2.22 -17.92
CA GLY A 38 13.86 1.86 -16.56
C GLY A 38 14.48 0.51 -16.26
N ALA A 39 14.40 -0.42 -17.19
CA ALA A 39 15.14 -1.70 -16.98
C ALA A 39 16.66 -1.44 -16.95
N ALA A 40 17.13 -0.54 -17.80
CA ALA A 40 18.56 -0.15 -17.77
C ALA A 40 18.96 0.39 -16.38
N ALA A 41 18.09 1.22 -15.81
CA ALA A 41 18.41 1.89 -14.56
C ALA A 41 18.50 0.82 -13.41
N PHE A 42 17.54 -0.09 -13.38
CA PHE A 42 17.56 -1.21 -12.44
C PHE A 42 18.84 -2.11 -12.58
N LEU A 43 19.18 -2.46 -13.81
CA LEU A 43 20.40 -3.24 -14.08
C LEU A 43 21.67 -2.51 -13.71
N ARG A 44 21.70 -1.23 -13.93
CA ARG A 44 22.85 -0.39 -13.56
C ARG A 44 23.01 -0.36 -12.01
N ARG A 45 21.93 -0.15 -11.30
CA ARG A 45 21.94 -0.25 -9.81
C ARG A 45 22.35 -1.63 -9.31
N HIS A 46 21.88 -2.62 -10.02
CA HIS A 46 22.17 -3.97 -9.61
C HIS A 46 23.64 -4.38 -9.87
N ALA A 47 24.19 -3.89 -10.97
CA ALA A 47 25.60 -4.01 -11.23
C ALA A 47 26.48 -3.53 -10.06
N GLN A 48 26.11 -2.36 -9.59
CA GLN A 48 26.77 -1.82 -8.38
C GLN A 48 26.55 -2.70 -7.13
N GLU A 49 25.36 -3.27 -6.95
CA GLU A 49 25.14 -4.19 -5.80
C GLU A 49 26.13 -5.38 -5.88
N GLU A 50 26.29 -5.94 -7.10
CA GLU A 50 27.19 -7.12 -7.24
C GLU A 50 28.61 -6.79 -7.01
N MET A 51 29.01 -5.57 -7.37
CA MET A 51 30.36 -5.14 -7.10
C MET A 51 30.65 -5.09 -5.60
N THR A 52 29.67 -4.71 -4.78
CA THR A 52 29.86 -4.81 -3.33
C THR A 52 30.00 -6.28 -2.86
N HIS A 53 29.39 -7.23 -3.57
CA HIS A 53 29.55 -8.63 -3.19
C HIS A 53 30.93 -9.11 -3.54
N MET A 54 31.47 -8.63 -4.66
N MET A 54 31.48 -8.64 -4.66
CA MET A 54 32.84 -8.92 -5.04
CA MET A 54 32.84 -8.94 -5.01
C MET A 54 33.76 -8.41 -3.91
C MET A 54 33.77 -8.42 -3.90
N GLN A 55 33.54 -7.15 -3.52
CA GLN A 55 34.38 -6.46 -2.55
C GLN A 55 34.39 -7.14 -1.17
N ARG A 56 33.26 -7.65 -0.70
N ARG A 56 33.26 -7.64 -0.73
CA ARG A 56 33.22 -8.34 0.58
CA ARG A 56 33.16 -8.33 0.55
C ARG A 56 34.10 -9.60 0.52
C ARG A 56 34.03 -9.61 0.53
N LEU A 57 34.12 -10.30 -0.59
CA LEU A 57 35.01 -11.48 -0.72
C LEU A 57 36.47 -11.05 -0.77
N PHE A 58 36.74 -10.05 -1.60
CA PHE A 58 38.08 -9.49 -1.71
C PHE A 58 38.60 -9.14 -0.29
N ASP A 59 37.78 -8.44 0.46
CA ASP A 59 38.12 -8.04 1.81
C ASP A 59 38.33 -9.23 2.80
N TYR A 60 37.49 -10.26 2.72
CA TYR A 60 37.75 -11.45 3.53
C TYR A 60 39.04 -12.11 3.19
N LEU A 61 39.31 -12.28 1.90
CA LEU A 61 40.60 -12.88 1.53
C LEU A 61 41.77 -12.04 2.08
N THR A 62 41.76 -10.72 1.88
CA THR A 62 42.89 -9.91 2.37
C THR A 62 42.95 -9.94 3.87
N ASP A 63 41.81 -9.87 4.55
CA ASP A 63 41.77 -10.01 6.00
C ASP A 63 42.23 -11.36 6.50
N THR A 64 42.18 -12.40 5.72
CA THR A 64 42.70 -13.66 6.23
C THR A 64 44.16 -13.89 5.88
N GLY A 65 44.84 -12.84 5.38
CA GLY A 65 46.28 -12.99 5.04
C GLY A 65 46.53 -13.52 3.65
N ASN A 66 45.51 -13.54 2.79
CA ASN A 66 45.69 -13.97 1.43
C ASN A 66 45.66 -12.81 0.46
N LEU A 67 46.00 -13.11 -0.77
CA LEU A 67 46.09 -12.09 -1.78
C LEU A 67 45.04 -12.43 -2.79
N PRO A 68 43.86 -11.82 -2.75
CA PRO A 68 42.89 -12.12 -3.83
C PRO A 68 43.45 -11.69 -5.19
N ARG A 69 43.04 -12.44 -6.21
CA ARG A 69 43.53 -12.27 -7.55
C ARG A 69 42.31 -12.16 -8.46
N ILE A 70 42.16 -11.01 -9.04
CA ILE A 70 41.20 -10.80 -10.09
C ILE A 70 41.78 -11.42 -11.40
N ASN A 71 41.09 -12.39 -11.90
CA ASN A 71 41.53 -13.11 -13.12
C ASN A 71 41.03 -12.37 -14.34
N THR A 72 41.41 -12.84 -15.52
CA THR A 72 40.88 -12.28 -16.75
C THR A 72 39.37 -12.49 -16.72
N VAL A 73 38.67 -11.47 -17.10
CA VAL A 73 37.22 -11.55 -17.16
C VAL A 73 36.81 -11.63 -18.63
N GLU A 74 35.93 -12.58 -18.89
CA GLU A 74 35.34 -12.80 -20.18
C GLU A 74 34.42 -11.66 -20.41
N SER A 75 34.31 -11.33 -21.67
CA SER A 75 33.43 -10.30 -22.11
C SER A 75 32.02 -10.73 -21.80
N PRO A 76 31.25 -9.87 -21.13
CA PRO A 76 29.84 -10.19 -20.96
C PRO A 76 28.93 -9.90 -22.14
N PHE A 77 29.50 -9.38 -23.21
CA PHE A 77 28.72 -8.94 -24.37
C PHE A 77 27.84 -10.11 -24.84
N ALA A 78 26.57 -9.84 -25.12
CA ALA A 78 25.69 -10.89 -25.68
C ALA A 78 24.50 -10.26 -26.38
N GLU A 79 23.84 -11.08 -27.16
CA GLU A 79 22.66 -10.63 -27.83
C GLU A 79 21.50 -11.28 -27.12
N TYR A 80 20.41 -10.56 -27.00
CA TYR A 80 19.23 -11.11 -26.44
C TYR A 80 18.13 -10.87 -27.44
N SER A 81 17.23 -11.84 -27.58
CA SER A 81 16.11 -11.73 -28.50
C SER A 81 14.96 -10.90 -27.90
N SER A 82 14.97 -10.61 -26.60
CA SER A 82 13.89 -9.92 -25.98
C SER A 82 14.25 -9.56 -24.56
N LEU A 83 13.46 -8.69 -23.97
CA LEU A 83 13.71 -8.26 -22.63
C LEU A 83 13.48 -9.42 -21.66
N ASP A 84 12.47 -10.19 -21.98
CA ASP A 84 12.13 -11.39 -21.29
C ASP A 84 13.29 -12.36 -21.29
N GLU A 85 13.88 -12.59 -22.43
CA GLU A 85 14.96 -13.49 -22.44
C GLU A 85 16.13 -12.95 -21.62
N LEU A 86 16.33 -11.65 -21.65
CA LEU A 86 17.43 -11.11 -20.87
C LEU A 86 17.23 -11.40 -19.36
N PHE A 87 16.00 -11.22 -18.89
CA PHE A 87 15.71 -11.47 -17.47
C PHE A 87 15.69 -12.93 -17.14
N GLN A 88 15.39 -13.79 -18.10
CA GLN A 88 15.61 -15.22 -17.82
C GLN A 88 17.06 -15.46 -17.59
N GLU A 89 17.94 -14.81 -18.36
CA GLU A 89 19.37 -14.97 -18.13
C GLU A 89 19.80 -14.41 -16.76
N THR A 90 19.23 -13.31 -16.29
CA THR A 90 19.61 -12.84 -14.94
C THR A 90 19.23 -13.85 -13.84
N TYR A 91 18.05 -14.46 -14.00
CA TYR A 91 17.55 -15.41 -13.05
C TYR A 91 18.46 -16.64 -12.98
N LYS A 92 18.84 -17.12 -14.15
CA LYS A 92 19.78 -18.24 -14.23
C LYS A 92 21.09 -17.90 -13.65
N LEU A 93 21.60 -16.69 -13.89
CA LEU A 93 22.89 -16.37 -13.31
C LEU A 93 22.75 -16.40 -11.77
N GLU A 94 21.66 -15.86 -11.22
CA GLU A 94 21.51 -15.78 -9.79
C GLU A 94 21.37 -17.17 -9.21
N GLN A 95 20.73 -18.08 -9.97
CA GLN A 95 20.73 -19.49 -9.53
C GLN A 95 22.09 -20.08 -9.50
N LEU A 96 22.89 -19.79 -10.53
CA LEU A 96 24.23 -20.30 -10.56
C LEU A 96 25.02 -19.75 -9.33
N ILE A 97 24.89 -18.45 -9.06
CA ILE A 97 25.58 -17.88 -7.88
C ILE A 97 25.13 -18.54 -6.53
N THR A 98 23.83 -18.71 -6.36
CA THR A 98 23.26 -19.43 -5.21
C THR A 98 23.88 -20.80 -5.07
N GLN A 99 24.03 -21.46 -6.19
CA GLN A 99 24.52 -22.84 -6.11
C GLN A 99 25.98 -22.85 -5.72
N LYS A 100 26.78 -21.95 -6.32
CA LYS A 100 28.22 -21.88 -5.93
C LYS A 100 28.43 -21.49 -4.44
N ILE A 101 27.60 -20.59 -3.95
CA ILE A 101 27.63 -20.20 -2.51
C ILE A 101 27.31 -21.47 -1.68
N ASN A 102 26.26 -22.20 -2.07
CA ASN A 102 25.93 -23.46 -1.37
C ASN A 102 27.09 -24.44 -1.35
N GLU A 103 27.77 -24.55 -2.49
CA GLU A 103 28.94 -25.40 -2.56
C GLU A 103 30.11 -24.90 -1.72
N LEU A 104 30.31 -23.59 -1.68
CA LEU A 104 31.32 -23.02 -0.78
C LEU A 104 30.94 -23.29 0.70
N ALA A 105 29.67 -23.18 1.03
CA ALA A 105 29.22 -23.48 2.41
C ALA A 105 29.44 -24.96 2.79
N HIS A 106 29.18 -25.84 1.86
CA HIS A 106 29.37 -27.29 2.07
C HIS A 106 30.87 -27.57 2.26
N ALA A 107 31.69 -26.99 1.39
CA ALA A 107 33.15 -27.13 1.55
C ALA A 107 33.65 -26.54 2.85
N ALA A 108 33.15 -25.38 3.25
CA ALA A 108 33.57 -24.83 4.52
C ALA A 108 33.24 -25.79 5.67
N MET A 109 32.00 -26.28 5.69
CA MET A 109 31.59 -27.26 6.72
C MET A 109 32.46 -28.49 6.78
N THR A 110 32.69 -29.08 5.63
CA THR A 110 33.44 -30.32 5.64
C THR A 110 34.93 -30.08 5.87
N ASN A 111 35.43 -28.88 5.58
CA ASN A 111 36.78 -28.52 5.95
C ASN A 111 36.86 -28.02 7.38
N GLN A 112 35.76 -27.98 8.11
CA GLN A 112 35.77 -27.42 9.46
C GLN A 112 36.37 -26.04 9.52
N ASP A 113 36.03 -25.23 8.50
CA ASP A 113 36.37 -23.86 8.44
C ASP A 113 35.12 -23.05 8.88
N TYR A 114 34.98 -22.93 10.18
CA TYR A 114 33.88 -22.22 10.76
C TYR A 114 33.95 -20.72 10.50
N PRO A 115 35.11 -20.13 10.54
CA PRO A 115 35.14 -18.69 10.06
C PRO A 115 34.59 -18.40 8.66
N THR A 116 34.96 -19.22 7.68
CA THR A 116 34.41 -19.07 6.29
C THR A 116 32.93 -19.43 6.25
N PHE A 117 32.51 -20.48 6.97
CA PHE A 117 31.11 -20.82 6.95
C PHE A 117 30.27 -19.68 7.48
N ASN A 118 30.73 -19.08 8.57
CA ASN A 118 30.04 -17.91 9.13
C ASN A 118 30.00 -16.74 8.11
N PHE A 119 31.11 -16.50 7.47
CA PHE A 119 31.24 -15.40 6.50
C PHE A 119 30.27 -15.62 5.37
N LEU A 120 30.08 -16.86 4.98
CA LEU A 120 29.24 -17.21 3.83
C LEU A 120 27.80 -17.03 4.09
N GLN A 121 27.38 -16.91 5.37
CA GLN A 121 25.93 -16.80 5.65
C GLN A 121 25.27 -15.56 5.17
N TRP A 122 26.02 -14.47 5.15
CA TRP A 122 25.62 -13.24 4.45
C TRP A 122 25.23 -13.51 3.00
N TYR A 123 26.02 -14.30 2.27
CA TYR A 123 25.67 -14.68 0.88
C TYR A 123 24.53 -15.63 0.78
N VAL A 124 24.45 -16.59 1.69
CA VAL A 124 23.30 -17.53 1.63
C VAL A 124 21.99 -16.74 1.72
N SER A 125 21.99 -15.80 2.64
CA SER A 125 20.85 -14.94 2.88
C SER A 125 20.60 -13.93 1.74
N GLU A 126 21.63 -13.25 1.36
CA GLU A 126 21.51 -12.37 0.18
C GLU A 126 21.01 -13.13 -1.04
N GLN A 127 21.53 -14.34 -1.26
CA GLN A 127 21.07 -15.05 -2.47
C GLN A 127 19.60 -15.41 -2.46
N HIS A 128 19.07 -15.69 -1.27
CA HIS A 128 17.64 -15.97 -1.14
C HIS A 128 16.84 -14.72 -1.55
N GLU A 129 17.31 -13.55 -1.17
CA GLU A 129 16.61 -12.30 -1.53
C GLU A 129 16.77 -12.03 -3.08
N GLU A 130 17.96 -12.28 -3.63
CA GLU A 130 18.24 -12.08 -5.03
C GLU A 130 17.34 -12.90 -5.92
N GLU A 131 17.22 -14.18 -5.61
CA GLU A 131 16.30 -15.03 -6.32
C GLU A 131 14.87 -14.57 -6.25
N LYS A 132 14.41 -14.13 -5.09
CA LYS A 132 13.07 -13.62 -5.05
C LYS A 132 12.86 -12.43 -5.95
N LEU A 133 13.82 -11.53 -6.00
CA LEU A 133 13.71 -10.28 -6.74
C LEU A 133 13.71 -10.58 -8.23
N PHE A 134 14.66 -11.38 -8.69
CA PHE A 134 14.69 -11.66 -10.13
C PHE A 134 13.53 -12.56 -10.62
N LYS A 135 13.07 -13.46 -9.77
CA LYS A 135 11.90 -14.27 -10.09
C LYS A 135 10.68 -13.31 -10.23
N SER A 136 10.54 -12.39 -9.32
CA SER A 136 9.40 -11.57 -9.39
C SER A 136 9.42 -10.70 -10.69
N ILE A 137 10.60 -10.35 -11.23
CA ILE A 137 10.67 -9.62 -12.52
C ILE A 137 10.20 -10.50 -13.70
N ILE A 138 10.64 -11.73 -13.74
CA ILE A 138 10.16 -12.66 -14.72
C ILE A 138 8.66 -12.84 -14.62
N ASP A 139 8.12 -12.87 -13.39
CA ASP A 139 6.66 -13.01 -13.18
C ASP A 139 5.87 -11.80 -13.67
N LYS A 140 6.38 -10.60 -13.45
CA LYS A 140 5.81 -9.44 -14.06
C LYS A 140 5.76 -9.53 -15.58
N LEU A 141 6.88 -9.88 -16.20
CA LEU A 141 6.91 -9.93 -17.66
C LEU A 141 5.95 -10.97 -18.21
N SER A 142 5.82 -12.08 -17.50
CA SER A 142 4.99 -13.17 -17.93
C SER A 142 3.52 -12.78 -17.88
N LEU A 143 3.19 -11.96 -16.92
CA LEU A 143 1.85 -11.52 -16.77
C LEU A 143 1.53 -10.41 -17.76
N ALA A 144 2.30 -9.32 -17.74
CA ALA A 144 1.94 -8.06 -18.42
C ALA A 144 2.83 -7.75 -19.59
N GLY A 145 3.78 -8.62 -19.90
CA GLY A 145 4.82 -8.28 -20.88
C GLY A 145 4.60 -8.60 -22.34
N LYS A 146 3.36 -8.95 -22.74
CA LYS A 146 3.08 -9.42 -24.12
C LYS A 146 2.60 -8.28 -25.00
N SER A 147 2.41 -7.09 -24.46
CA SER A 147 2.11 -5.93 -25.27
C SER A 147 3.10 -4.78 -25.02
N GLY A 148 3.19 -3.86 -25.99
CA GLY A 148 3.99 -2.63 -25.84
C GLY A 148 3.58 -1.83 -24.60
N GLU A 149 2.28 -1.79 -24.36
CA GLU A 149 1.70 -1.05 -23.26
C GLU A 149 2.24 -1.63 -21.92
N GLY A 150 2.16 -2.96 -21.80
CA GLY A 150 2.51 -3.70 -20.60
C GLY A 150 3.98 -3.52 -20.31
N LEU A 151 4.78 -3.63 -21.36
CA LEU A 151 6.20 -3.39 -21.29
C LEU A 151 6.50 -2.02 -20.82
N TYR A 152 5.72 -1.05 -21.29
CA TYR A 152 5.89 0.35 -20.89
C TYR A 152 5.70 0.45 -19.39
N PHE A 153 4.72 -0.27 -18.88
CA PHE A 153 4.45 -0.16 -17.46
C PHE A 153 5.46 -0.90 -16.59
N ILE A 154 5.89 -2.06 -17.04
CA ILE A 154 6.94 -2.79 -16.37
C ILE A 154 8.27 -2.05 -16.36
N ASP A 155 8.63 -1.48 -17.48
CA ASP A 155 9.80 -0.64 -17.53
C ASP A 155 9.73 0.51 -16.52
N LYS A 156 8.58 1.18 -16.39
CA LYS A 156 8.42 2.20 -15.38
C LYS A 156 8.61 1.70 -13.96
N GLU A 157 8.04 0.54 -13.69
CA GLU A 157 8.17 -0.06 -12.39
C GLU A 157 9.66 -0.34 -12.09
N LEU A 158 10.34 -0.92 -13.08
CA LEU A 158 11.77 -1.26 -12.96
C LEU A 158 12.61 -0.03 -12.63
N SER A 159 12.19 1.16 -13.11
CA SER A 159 13.05 2.35 -12.96
C SER A 159 13.27 2.72 -11.50
N THR A 160 12.39 2.27 -10.62
CA THR A 160 12.54 2.48 -9.19
C THR A 160 12.45 1.25 -8.40
N LEU A 161 12.41 0.08 -9.04
CA LEU A 161 12.28 -1.12 -8.27
C LEU A 161 13.51 -1.29 -7.37
N ASP A 162 13.21 -1.63 -6.10
CA ASP A 162 14.19 -2.07 -5.08
C ASP A 162 15.19 -0.95 -4.71
N THR A 163 14.69 0.29 -4.49
CA THR A 163 15.54 1.49 -4.14
C THR A 163 15.21 2.24 -2.83
N HIS B 1 -35.74 46.45 -6.87
CA HIS B 1 -35.58 47.48 -7.93
C HIS B 1 -34.95 46.95 -9.23
N LEU B 2 -34.65 45.65 -9.32
CA LEU B 2 -34.58 44.92 -10.62
C LEU B 2 -35.92 44.82 -11.29
N LYS B 3 -35.94 44.70 -12.60
CA LYS B 3 -37.20 44.52 -13.30
C LYS B 3 -37.72 43.10 -13.10
N PRO B 4 -39.04 42.94 -13.07
CA PRO B 4 -39.63 41.60 -12.92
C PRO B 4 -39.07 40.60 -13.89
N GLU B 5 -38.84 40.98 -15.16
CA GLU B 5 -38.29 40.05 -16.11
C GLU B 5 -36.93 39.43 -15.59
N MET B 6 -36.08 40.29 -15.08
CA MET B 6 -34.74 39.86 -14.71
C MET B 6 -34.81 39.02 -13.43
N ILE B 7 -35.69 39.39 -12.52
CA ILE B 7 -35.88 38.65 -11.28
C ILE B 7 -36.27 37.21 -11.61
N GLU B 8 -37.25 37.03 -12.50
CA GLU B 8 -37.65 35.72 -12.88
C GLU B 8 -36.61 34.95 -13.61
N LYS B 9 -35.86 35.61 -14.46
CA LYS B 9 -34.83 34.88 -15.19
C LYS B 9 -33.76 34.37 -14.27
N LEU B 10 -33.46 35.19 -13.29
CA LEU B 10 -32.44 34.86 -12.32
C LEU B 10 -33.00 33.68 -11.53
N ASN B 11 -34.26 33.78 -11.10
CA ASN B 11 -34.90 32.77 -10.35
C ASN B 11 -34.93 31.42 -11.11
N GLU B 12 -35.15 31.47 -12.41
CA GLU B 12 -35.23 30.27 -13.17
C GLU B 12 -33.83 29.65 -13.24
N GLN B 13 -32.80 30.47 -13.45
CA GLN B 13 -31.48 29.91 -13.52
C GLN B 13 -31.10 29.26 -12.18
N MET B 14 -31.52 29.86 -11.07
N MET B 14 -31.53 29.83 -11.06
CA MET B 14 -31.31 29.26 -9.78
CA MET B 14 -31.25 29.23 -9.78
C MET B 14 -31.87 27.83 -9.72
C MET B 14 -31.88 27.82 -9.69
N ASN B 15 -33.09 27.65 -10.20
CA ASN B 15 -33.72 26.36 -10.32
C ASN B 15 -33.03 25.38 -11.23
N LEU B 16 -32.42 25.91 -12.29
CA LEU B 16 -31.66 25.12 -13.21
C LEU B 16 -30.37 24.64 -12.55
N GLU B 17 -29.68 25.51 -11.83
CA GLU B 17 -28.51 25.09 -11.10
C GLU B 17 -28.87 23.97 -10.08
N LEU B 18 -30.01 24.11 -9.39
CA LEU B 18 -30.51 23.10 -8.46
C LEU B 18 -30.75 21.74 -9.16
N TYR B 19 -31.41 21.78 -10.31
CA TYR B 19 -31.69 20.58 -11.09
C TYR B 19 -30.40 19.89 -11.45
N SER B 20 -29.46 20.69 -11.90
CA SER B 20 -28.23 20.15 -12.28
C SER B 20 -27.49 19.47 -11.16
N SER B 21 -27.50 20.08 -9.97
CA SER B 21 -26.94 19.43 -8.80
C SER B 21 -27.57 18.06 -8.63
N LEU B 22 -28.90 17.98 -8.70
CA LEU B 22 -29.57 16.73 -8.43
C LEU B 22 -29.37 15.76 -9.55
N LEU B 23 -29.13 16.25 -10.77
CA LEU B 23 -28.89 15.37 -11.89
C LEU B 23 -27.51 14.74 -11.71
N TYR B 24 -26.56 15.54 -11.31
CA TYR B 24 -25.23 14.98 -11.09
C TYR B 24 -25.26 13.95 -9.95
N GLN B 25 -26.01 14.25 -8.93
CA GLN B 25 -26.10 13.35 -7.79
C GLN B 25 -26.71 12.02 -8.24
N GLN B 26 -27.76 12.11 -9.02
CA GLN B 26 -28.44 10.94 -9.51
C GLN B 26 -27.55 10.12 -10.43
N MET B 27 -26.83 10.79 -11.31
CA MET B 27 -25.88 10.14 -12.18
C MET B 27 -24.84 9.40 -11.39
N SER B 28 -24.46 9.89 -10.22
CA SER B 28 -23.46 9.20 -9.43
C SER B 28 -23.95 7.84 -8.95
N ALA B 29 -25.23 7.67 -8.72
CA ALA B 29 -25.79 6.36 -8.40
C ALA B 29 -25.71 5.38 -9.58
N TRP B 30 -25.97 5.87 -10.80
CA TRP B 30 -25.82 5.04 -11.96
C TRP B 30 -24.40 4.54 -12.03
N CYS B 31 -23.46 5.43 -11.88
CA CYS B 31 -22.07 5.06 -11.88
C CYS B 31 -21.78 4.01 -10.78
N SER B 32 -22.21 4.28 -9.53
CA SER B 32 -21.90 3.36 -8.42
C SER B 32 -22.51 2.00 -8.78
N TYR B 33 -23.78 1.97 -9.09
CA TYR B 33 -24.45 0.75 -9.50
C TYR B 33 -23.74 -0.01 -10.62
N HIS B 34 -23.06 0.69 -11.53
CA HIS B 34 -22.35 0.02 -12.64
C HIS B 34 -20.90 -0.15 -12.39
N THR B 35 -20.54 0.06 -11.13
CA THR B 35 -19.18 -0.17 -10.62
C THR B 35 -18.19 0.93 -10.86
N PHE B 36 -18.61 2.04 -11.50
CA PHE B 36 -17.68 3.19 -11.72
C PHE B 36 -17.66 4.14 -10.53
N GLU B 37 -17.00 3.66 -9.48
CA GLU B 37 -16.87 4.32 -8.17
C GLU B 37 -16.12 5.65 -8.30
N GLY B 38 -15.12 5.74 -9.15
CA GLY B 38 -14.40 7.00 -9.29
C GLY B 38 -15.21 8.11 -10.04
N ALA B 39 -15.89 7.72 -11.10
CA ALA B 39 -16.81 8.61 -11.75
C ALA B 39 -17.94 9.04 -10.78
N ALA B 40 -18.43 8.12 -9.94
CA ALA B 40 -19.41 8.46 -8.89
C ALA B 40 -18.92 9.56 -7.95
N ALA B 41 -17.65 9.50 -7.54
CA ALA B 41 -17.15 10.43 -6.58
C ALA B 41 -16.98 11.81 -7.26
N PHE B 42 -16.50 11.85 -8.49
CA PHE B 42 -16.43 13.13 -9.26
C PHE B 42 -17.82 13.79 -9.38
N LEU B 43 -18.83 13.00 -9.76
CA LEU B 43 -20.19 13.46 -9.88
C LEU B 43 -20.78 13.95 -8.57
N ARG B 44 -20.54 13.23 -7.49
CA ARG B 44 -21.03 13.72 -6.23
C ARG B 44 -20.37 15.03 -5.88
N ARG B 45 -19.08 15.12 -6.03
CA ARG B 45 -18.43 16.44 -5.76
C ARG B 45 -18.97 17.54 -6.71
N HIS B 46 -19.29 17.15 -7.97
CA HIS B 46 -19.74 18.16 -8.88
C HIS B 46 -21.15 18.64 -8.52
N ALA B 47 -21.94 17.73 -8.02
CA ALA B 47 -23.24 18.06 -7.55
C ALA B 47 -23.21 19.12 -6.47
N GLN B 48 -22.23 19.01 -5.60
CA GLN B 48 -22.06 19.97 -4.53
C GLN B 48 -21.64 21.33 -5.08
N GLU B 49 -20.73 21.34 -6.04
CA GLU B 49 -20.35 22.53 -6.78
C GLU B 49 -21.56 23.22 -7.39
N GLU B 50 -22.45 22.47 -8.03
CA GLU B 50 -23.61 23.10 -8.61
C GLU B 50 -24.53 23.72 -7.56
N MET B 51 -24.63 23.13 -6.36
CA MET B 51 -25.43 23.77 -5.31
C MET B 51 -24.90 25.16 -4.93
N THR B 52 -23.60 25.26 -4.88
CA THR B 52 -22.88 26.53 -4.71
C THR B 52 -23.31 27.53 -5.80
N HIS B 53 -23.51 27.07 -7.04
CA HIS B 53 -23.94 27.96 -8.09
C HIS B 53 -25.38 28.43 -7.84
N MET B 54 -26.19 27.51 -7.34
N MET B 54 -26.21 27.53 -7.33
CA MET B 54 -27.52 27.79 -6.94
CA MET B 54 -27.59 27.84 -7.01
C MET B 54 -27.47 28.87 -5.84
C MET B 54 -27.61 28.84 -5.85
N GLN B 55 -26.72 28.60 -4.76
N GLN B 55 -26.72 28.63 -4.88
CA GLN B 55 -26.73 29.50 -3.56
CA GLN B 55 -26.73 29.43 -3.64
C GLN B 55 -26.34 30.93 -3.98
C GLN B 55 -26.32 30.89 -3.97
N ARG B 56 -25.43 31.03 -4.94
CA ARG B 56 -24.95 32.37 -5.37
C ARG B 56 -26.02 33.21 -6.04
N LEU B 57 -26.86 32.58 -6.87
CA LEU B 57 -28.08 33.22 -7.46
C LEU B 57 -29.11 33.50 -6.37
N PHE B 58 -29.31 32.52 -5.50
CA PHE B 58 -30.19 32.71 -4.32
C PHE B 58 -29.82 33.94 -3.48
N ASP B 59 -28.53 34.07 -3.18
CA ASP B 59 -28.00 35.27 -2.49
C ASP B 59 -28.10 36.62 -3.24
N TYR B 60 -27.88 36.60 -4.56
CA TYR B 60 -28.09 37.80 -5.33
C TYR B 60 -29.53 38.17 -5.25
N LEU B 61 -30.44 37.20 -5.38
CA LEU B 61 -31.87 37.57 -5.28
C LEU B 61 -32.27 38.12 -3.89
N THR B 62 -31.84 37.49 -2.79
CA THR B 62 -32.19 38.02 -1.46
C THR B 62 -31.55 39.36 -1.18
N ASP B 63 -30.32 39.52 -1.61
CA ASP B 63 -29.66 40.77 -1.47
C ASP B 63 -30.21 41.92 -2.29
N THR B 64 -30.95 41.67 -3.36
CA THR B 64 -31.60 42.76 -4.07
C THR B 64 -33.04 43.01 -3.62
N GLY B 65 -33.42 42.50 -2.46
CA GLY B 65 -34.78 42.64 -1.95
C GLY B 65 -35.88 41.75 -2.57
N ASN B 66 -35.48 40.62 -3.16
CA ASN B 66 -36.41 39.66 -3.77
C ASN B 66 -36.51 38.40 -2.97
N LEU B 67 -37.45 37.58 -3.35
CA LEU B 67 -37.73 36.35 -2.63
C LEU B 67 -37.46 35.17 -3.61
N PRO B 68 -36.28 34.54 -3.51
CA PRO B 68 -36.12 33.42 -4.45
C PRO B 68 -37.16 32.31 -4.17
N ARG B 69 -37.46 31.53 -5.16
CA ARG B 69 -38.57 30.57 -5.06
C ARG B 69 -38.10 29.30 -5.74
N ILE B 70 -38.00 28.25 -4.94
CA ILE B 70 -37.71 26.91 -5.42
C ILE B 70 -39.01 26.33 -5.95
N ASN B 71 -38.99 26.02 -7.24
CA ASN B 71 -40.13 25.51 -7.93
C ASN B 71 -40.14 23.97 -7.86
N THR B 72 -41.17 23.37 -8.46
CA THR B 72 -41.25 21.92 -8.63
C THR B 72 -39.90 21.52 -9.25
N VAL B 73 -39.27 20.49 -8.73
CA VAL B 73 -38.10 19.94 -9.40
C VAL B 73 -38.44 18.58 -9.97
N GLU B 74 -38.38 18.48 -11.28
CA GLU B 74 -38.61 17.24 -11.94
C GLU B 74 -37.57 16.24 -11.47
N SER B 75 -37.98 15.02 -11.40
CA SER B 75 -37.04 13.91 -11.21
C SER B 75 -35.91 13.82 -12.18
N PRO B 76 -34.70 13.75 -11.67
CA PRO B 76 -33.60 13.58 -12.61
C PRO B 76 -33.33 12.14 -13.04
N PHE B 77 -34.12 11.19 -12.58
CA PHE B 77 -33.87 9.80 -12.85
C PHE B 77 -33.80 9.54 -14.33
N ALA B 78 -32.76 8.85 -14.79
CA ALA B 78 -32.74 8.38 -16.17
C ALA B 78 -31.94 7.07 -16.24
N GLU B 79 -32.10 6.44 -17.38
CA GLU B 79 -31.32 5.29 -17.75
C GLU B 79 -30.23 5.77 -18.72
N TYR B 80 -29.05 5.18 -18.60
CA TYR B 80 -27.97 5.44 -19.54
C TYR B 80 -27.48 4.09 -20.05
N SER B 81 -27.05 4.05 -21.29
CA SER B 81 -26.52 2.80 -21.87
C SER B 81 -25.01 2.62 -21.62
N SER B 82 -24.27 3.65 -21.22
CA SER B 82 -22.84 3.53 -20.99
C SER B 82 -22.38 4.78 -20.28
N LEU B 83 -21.16 4.67 -19.78
CA LEU B 83 -20.52 5.69 -19.07
C LEU B 83 -20.28 6.85 -20.02
N ASP B 84 -20.02 6.50 -21.26
CA ASP B 84 -19.79 7.46 -22.28
C ASP B 84 -21.08 8.27 -22.56
N GLU B 85 -22.23 7.62 -22.68
CA GLU B 85 -23.46 8.37 -22.92
C GLU B 85 -23.83 9.31 -21.73
N LEU B 86 -23.58 8.86 -20.50
CA LEU B 86 -23.82 9.66 -19.31
C LEU B 86 -22.99 10.97 -19.36
N PHE B 87 -21.70 10.87 -19.71
CA PHE B 87 -20.92 12.09 -19.85
C PHE B 87 -21.23 12.94 -21.06
N GLN B 88 -21.80 12.36 -22.13
CA GLN B 88 -22.32 13.16 -23.23
C GLN B 88 -23.42 14.00 -22.60
N GLU B 89 -24.26 13.41 -21.75
CA GLU B 89 -25.38 14.17 -21.22
C GLU B 89 -24.89 15.30 -20.30
N THR B 90 -23.86 15.04 -19.50
CA THR B 90 -23.35 16.09 -18.63
C THR B 90 -22.86 17.27 -19.48
N TYR B 91 -22.18 16.95 -20.57
CA TYR B 91 -21.67 18.02 -21.42
C TYR B 91 -22.78 18.85 -22.08
N LYS B 92 -23.79 18.21 -22.58
CA LYS B 92 -24.96 18.94 -23.07
C LYS B 92 -25.71 19.73 -22.03
N LEU B 93 -25.82 19.22 -20.78
CA LEU B 93 -26.41 20.04 -19.75
C LEU B 93 -25.55 21.32 -19.54
N GLU B 94 -24.25 21.19 -19.45
CA GLU B 94 -23.38 22.34 -19.25
C GLU B 94 -23.47 23.34 -20.37
N GLN B 95 -23.68 22.85 -21.61
CA GLN B 95 -23.93 23.74 -22.79
C GLN B 95 -25.25 24.44 -22.73
N LEU B 96 -26.28 23.75 -22.24
CA LEU B 96 -27.50 24.43 -21.98
C LEU B 96 -27.32 25.55 -20.89
N ILE B 97 -26.60 25.24 -19.85
CA ILE B 97 -26.44 26.19 -18.78
C ILE B 97 -25.69 27.44 -19.30
N THR B 98 -24.61 27.21 -20.01
CA THR B 98 -23.89 28.26 -20.72
C THR B 98 -24.77 29.16 -21.57
N GLN B 99 -25.64 28.52 -22.34
CA GLN B 99 -26.56 29.26 -23.20
C GLN B 99 -27.57 30.08 -22.41
N LYS B 100 -28.11 29.51 -21.34
CA LYS B 100 -29.04 30.29 -20.50
C LYS B 100 -28.39 31.48 -19.78
N ILE B 101 -27.12 31.32 -19.42
CA ILE B 101 -26.32 32.42 -18.86
C ILE B 101 -26.12 33.51 -19.96
N ASN B 102 -25.85 33.11 -21.20
CA ASN B 102 -25.72 34.06 -22.27
C ASN B 102 -27.00 34.83 -22.54
N GLU B 103 -28.11 34.10 -22.48
CA GLU B 103 -29.43 34.76 -22.62
C GLU B 103 -29.73 35.72 -21.47
N LEU B 104 -29.34 35.34 -20.25
CA LEU B 104 -29.54 36.20 -19.09
C LEU B 104 -28.72 37.50 -19.23
N ALA B 105 -27.48 37.36 -19.70
CA ALA B 105 -26.58 38.52 -19.87
C ALA B 105 -27.09 39.48 -20.99
N HIS B 106 -27.55 38.90 -22.07
CA HIS B 106 -28.17 39.63 -23.19
C HIS B 106 -29.42 40.33 -22.66
N ALA B 107 -30.25 39.65 -21.93
CA ALA B 107 -31.43 40.31 -21.40
C ALA B 107 -31.03 41.45 -20.46
N ALA B 108 -29.95 41.26 -19.71
CA ALA B 108 -29.51 42.26 -18.77
C ALA B 108 -29.05 43.48 -19.56
N MET B 109 -28.24 43.26 -20.60
CA MET B 109 -27.88 44.37 -21.46
C MET B 109 -29.08 45.16 -22.07
N THR B 110 -30.02 44.43 -22.64
CA THR B 110 -31.18 44.99 -23.32
C THR B 110 -32.01 45.78 -22.33
N ASN B 111 -32.12 45.31 -21.10
CA ASN B 111 -32.81 46.02 -20.03
C ASN B 111 -31.96 47.08 -19.33
N GLN B 112 -30.70 47.25 -19.71
CA GLN B 112 -29.86 48.22 -19.07
C GLN B 112 -29.74 47.95 -17.58
N ASP B 113 -29.60 46.66 -17.23
CA ASP B 113 -29.42 46.22 -15.84
C ASP B 113 -27.92 45.86 -15.67
N TYR B 114 -27.14 46.89 -15.39
CA TYR B 114 -25.70 46.74 -15.27
C TYR B 114 -25.32 45.94 -14.00
N PRO B 115 -26.02 46.14 -12.86
CA PRO B 115 -25.71 45.26 -11.72
C PRO B 115 -25.84 43.77 -12.05
N THR B 116 -26.92 43.38 -12.72
CA THR B 116 -27.12 41.96 -13.05
C THR B 116 -26.09 41.52 -14.10
N PHE B 117 -25.78 42.37 -15.07
CA PHE B 117 -24.77 41.99 -16.10
C PHE B 117 -23.45 41.70 -15.41
N ASN B 118 -23.12 42.51 -14.46
CA ASN B 118 -21.88 42.37 -13.71
C ASN B 118 -21.88 41.11 -12.82
N PHE B 119 -22.95 40.91 -12.08
CA PHE B 119 -23.17 39.64 -11.34
C PHE B 119 -23.00 38.40 -12.20
N LEU B 120 -23.52 38.44 -13.44
CA LEU B 120 -23.47 37.29 -14.30
C LEU B 120 -22.12 36.94 -14.78
N GLN B 121 -21.20 37.90 -14.75
CA GLN B 121 -19.88 37.58 -15.21
C GLN B 121 -19.16 36.40 -14.55
N TRP B 122 -19.34 36.26 -13.24
CA TRP B 122 -18.87 35.09 -12.54
C TRP B 122 -19.35 33.81 -13.31
N TYR B 123 -20.61 33.74 -13.71
CA TYR B 123 -21.17 32.57 -14.39
C TYR B 123 -20.63 32.42 -15.83
N VAL B 124 -20.46 33.53 -16.56
CA VAL B 124 -19.86 33.46 -17.86
C VAL B 124 -18.49 32.78 -17.74
N SER B 125 -17.68 33.25 -16.81
CA SER B 125 -16.36 32.70 -16.54
C SER B 125 -16.37 31.21 -16.03
N GLU B 126 -17.25 30.92 -15.11
CA GLU B 126 -17.38 29.54 -14.60
C GLU B 126 -17.83 28.54 -15.71
N GLN B 127 -18.79 28.93 -16.53
CA GLN B 127 -19.26 28.07 -17.56
C GLN B 127 -18.21 27.77 -18.59
N HIS B 128 -17.31 28.73 -18.82
CA HIS B 128 -16.18 28.46 -19.68
C HIS B 128 -15.31 27.34 -19.10
N GLU B 129 -15.07 27.40 -17.80
CA GLU B 129 -14.30 26.37 -17.12
C GLU B 129 -15.06 25.02 -17.12
N GLU B 130 -16.36 25.06 -16.87
CA GLU B 130 -17.17 23.86 -16.83
C GLU B 130 -17.13 23.12 -18.15
N GLU B 131 -17.29 23.84 -19.27
CA GLU B 131 -17.27 23.21 -20.55
C GLU B 131 -15.92 22.59 -20.87
N LYS B 132 -14.85 23.24 -20.48
CA LYS B 132 -13.55 22.59 -20.63
C LYS B 132 -13.42 21.30 -19.80
N LEU B 133 -13.90 21.36 -18.58
CA LEU B 133 -13.78 20.22 -17.66
C LEU B 133 -14.59 19.05 -18.26
N PHE B 134 -15.83 19.29 -18.62
CA PHE B 134 -16.63 18.18 -19.09
C PHE B 134 -16.22 17.71 -20.49
N LYS B 135 -15.75 18.61 -21.34
CA LYS B 135 -15.21 18.19 -22.64
C LYS B 135 -13.95 17.30 -22.43
N SER B 136 -13.08 17.65 -21.46
CA SER B 136 -11.87 16.85 -21.28
C SER B 136 -12.27 15.38 -20.87
N ILE B 137 -13.40 15.23 -20.17
CA ILE B 137 -13.79 13.87 -19.69
C ILE B 137 -14.29 13.05 -20.90
N ILE B 138 -15.11 13.65 -21.74
CA ILE B 138 -15.50 13.00 -22.99
C ILE B 138 -14.23 12.62 -23.84
N ASP B 139 -13.22 13.48 -23.83
CA ASP B 139 -12.03 13.28 -24.67
C ASP B 139 -11.20 12.09 -24.15
N LYS B 140 -11.12 11.98 -22.82
CA LYS B 140 -10.54 10.80 -22.17
C LYS B 140 -11.22 9.51 -22.55
N LEU B 141 -12.55 9.47 -22.44
CA LEU B 141 -13.33 8.27 -22.79
C LEU B 141 -13.19 7.91 -24.25
N SER B 142 -13.14 8.91 -25.08
CA SER B 142 -12.97 8.72 -26.52
C SER B 142 -11.63 8.03 -26.84
N LEU B 143 -10.63 8.47 -26.14
CA LEU B 143 -9.30 8.02 -26.37
C LEU B 143 -9.06 6.64 -25.73
N ALA B 144 -9.38 6.48 -24.44
CA ALA B 144 -9.01 5.27 -23.70
C ALA B 144 -10.19 4.44 -23.21
N GLY B 145 -11.40 4.84 -23.56
CA GLY B 145 -12.62 4.29 -22.98
C GLY B 145 -13.11 3.02 -23.66
N LYS B 146 -12.38 2.50 -24.64
CA LYS B 146 -12.95 1.40 -25.44
C LYS B 146 -12.62 0.02 -24.85
N SER B 147 -11.92 -0.05 -23.71
CA SER B 147 -11.74 -1.35 -23.07
C SER B 147 -11.98 -1.19 -21.58
N GLY B 148 -12.21 -2.32 -20.91
CA GLY B 148 -12.45 -2.32 -19.43
C GLY B 148 -11.18 -1.86 -18.70
N GLU B 149 -10.04 -2.20 -19.26
CA GLU B 149 -8.80 -1.75 -18.72
C GLU B 149 -8.72 -0.23 -18.80
N GLY B 150 -8.99 0.33 -20.00
CA GLY B 150 -9.08 1.79 -20.16
C GLY B 150 -10.07 2.47 -19.22
N LEU B 151 -11.29 1.91 -19.15
CA LEU B 151 -12.30 2.42 -18.29
C LEU B 151 -11.83 2.41 -16.86
N TYR B 152 -11.02 1.39 -16.50
CA TYR B 152 -10.56 1.26 -15.15
C TYR B 152 -9.59 2.37 -14.78
N PHE B 153 -8.69 2.70 -15.69
CA PHE B 153 -7.85 3.91 -15.42
C PHE B 153 -8.58 5.27 -15.50
N ILE B 154 -9.54 5.41 -16.39
CA ILE B 154 -10.25 6.69 -16.46
C ILE B 154 -11.05 6.85 -15.17
N ASP B 155 -11.63 5.75 -14.70
CA ASP B 155 -12.35 5.74 -13.46
C ASP B 155 -11.48 6.14 -12.30
N LYS B 156 -10.23 5.69 -12.29
CA LYS B 156 -9.29 6.11 -11.27
C LYS B 156 -8.97 7.60 -11.41
N GLU B 157 -8.67 8.07 -12.62
CA GLU B 157 -8.40 9.52 -12.79
C GLU B 157 -9.60 10.37 -12.30
N LEU B 158 -10.83 9.94 -12.62
CA LEU B 158 -12.07 10.63 -12.18
C LEU B 158 -12.16 10.69 -10.65
N SER B 159 -11.71 9.64 -9.96
CA SER B 159 -11.83 9.58 -8.48
C SER B 159 -11.17 10.82 -7.83
N THR B 160 -10.15 11.41 -8.46
CA THR B 160 -9.57 12.59 -7.89
C THR B 160 -9.56 13.78 -8.86
N LEU B 161 -10.23 13.70 -10.01
CA LEU B 161 -10.22 14.81 -10.95
C LEU B 161 -10.80 16.09 -10.32
N ASP B 162 -10.17 17.22 -10.66
CA ASP B 162 -10.61 18.59 -10.26
C ASP B 162 -10.73 18.73 -8.73
N THR B 163 -9.72 18.29 -8.01
CA THR B 163 -9.64 18.56 -6.58
C THR B 163 -8.33 19.32 -6.25
N GLN B 164 -7.76 20.01 -7.24
CA GLN B 164 -6.71 21.06 -7.04
C GLN B 164 -7.20 22.18 -6.12
N HIS C 1 13.20 -24.77 -5.28
CA HIS C 1 14.01 -25.96 -4.85
C HIS C 1 13.46 -26.39 -3.48
N LEU C 2 14.32 -27.08 -2.72
CA LEU C 2 14.04 -27.76 -1.49
C LEU C 2 13.69 -29.20 -1.79
N LYS C 3 14.30 -30.13 -1.08
CA LYS C 3 13.95 -31.53 -1.18
C LYS C 3 12.62 -31.78 -0.52
N PRO C 4 11.87 -32.81 -1.00
CA PRO C 4 10.62 -33.16 -0.38
C PRO C 4 10.66 -33.28 1.14
N GLU C 5 11.64 -33.94 1.68
CA GLU C 5 11.74 -34.09 3.10
C GLU C 5 11.70 -32.70 3.83
N MET C 6 12.42 -31.74 3.28
CA MET C 6 12.61 -30.48 3.95
C MET C 6 11.29 -29.71 3.87
N ILE C 7 10.65 -29.79 2.70
CA ILE C 7 9.40 -29.08 2.47
C ILE C 7 8.41 -29.56 3.48
N GLU C 8 8.28 -30.89 3.60
CA GLU C 8 7.42 -31.52 4.61
C GLU C 8 7.75 -31.18 6.03
N LYS C 9 9.02 -31.25 6.43
CA LYS C 9 9.29 -30.93 7.83
C LYS C 9 9.01 -29.44 8.15
N LEU C 10 9.23 -28.57 7.17
CA LEU C 10 8.97 -27.16 7.31
C LEU C 10 7.44 -26.94 7.45
N ASN C 11 6.66 -27.63 6.65
CA ASN C 11 5.24 -27.43 6.64
C ASN C 11 4.69 -27.96 7.97
N GLU C 12 5.22 -29.07 8.44
CA GLU C 12 4.80 -29.60 9.69
C GLU C 12 5.11 -28.58 10.76
N GLN C 13 6.27 -27.95 10.67
CA GLN C 13 6.64 -27.02 11.69
C GLN C 13 5.77 -25.79 11.69
N MET C 14 5.37 -25.31 10.52
N MET C 14 5.34 -25.31 10.53
CA MET C 14 4.38 -24.22 10.38
CA MET C 14 4.45 -24.15 10.51
C MET C 14 3.12 -24.53 11.13
C MET C 14 3.08 -24.50 11.10
N ASN C 15 2.59 -25.73 10.87
CA ASN C 15 1.44 -26.21 11.58
C ASN C 15 1.61 -26.38 13.11
N LEU C 16 2.79 -26.76 13.57
CA LEU C 16 3.01 -26.83 15.01
C LEU C 16 2.97 -25.41 15.60
N GLU C 17 3.52 -24.42 14.93
CA GLU C 17 3.50 -23.05 15.45
C GLU C 17 2.06 -22.50 15.46
N LEU C 18 1.30 -22.86 14.43
CA LEU C 18 -0.13 -22.51 14.41
C LEU C 18 -0.88 -23.16 15.59
N TYR C 19 -0.68 -24.46 15.78
CA TYR C 19 -1.24 -25.18 16.94
C TYR C 19 -0.87 -24.48 18.26
N SER C 20 0.38 -24.13 18.41
CA SER C 20 0.87 -23.52 19.66
C SER C 20 0.22 -22.17 19.92
N SER C 21 0.02 -21.41 18.85
CA SER C 21 -0.74 -20.18 18.96
C SER C 21 -2.12 -20.50 19.57
N LEU C 22 -2.84 -21.45 18.99
CA LEU C 22 -4.19 -21.67 19.38
C LEU C 22 -4.25 -22.25 20.78
N LEU C 23 -3.26 -23.05 21.13
CA LEU C 23 -3.18 -23.56 22.46
C LEU C 23 -2.98 -22.45 23.48
N TYR C 24 -2.09 -21.52 23.19
CA TYR C 24 -1.90 -20.39 24.13
C TYR C 24 -3.18 -19.58 24.25
N GLN C 25 -3.87 -19.43 23.12
CA GLN C 25 -5.14 -18.72 23.14
C GLN C 25 -6.17 -19.49 24.01
N GLN C 26 -6.32 -20.79 23.80
CA GLN C 26 -7.20 -21.59 24.59
C GLN C 26 -6.83 -21.56 26.09
N MET C 27 -5.54 -21.66 26.39
CA MET C 27 -5.10 -21.57 27.78
C MET C 27 -5.48 -20.25 28.42
N SER C 28 -5.48 -19.16 27.67
CA SER C 28 -5.82 -17.86 28.30
C SER C 28 -7.25 -17.83 28.81
N ALA C 29 -8.12 -18.57 28.17
CA ALA C 29 -9.50 -18.62 28.58
C ALA C 29 -9.56 -19.37 29.87
N TRP C 30 -8.81 -20.46 30.00
CA TRP C 30 -8.73 -21.16 31.27
C TRP C 30 -8.32 -20.17 32.30
N CYS C 31 -7.27 -19.40 32.03
CA CYS C 31 -6.81 -18.47 33.09
C CYS C 31 -7.87 -17.44 33.50
N SER C 32 -8.56 -16.96 32.48
CA SER C 32 -9.59 -15.94 32.64
C SER C 32 -10.70 -16.53 33.48
N TYR C 33 -11.20 -17.70 33.07
CA TYR C 33 -12.24 -18.34 33.82
C TYR C 33 -11.90 -18.57 35.32
N HIS C 34 -10.63 -18.78 35.65
CA HIS C 34 -10.18 -19.01 37.03
C HIS C 34 -9.62 -17.81 37.72
N THR C 35 -9.80 -16.67 37.05
CA THR C 35 -9.57 -15.33 37.60
C THR C 35 -8.13 -14.85 37.44
N PHE C 36 -7.29 -15.62 36.78
CA PHE C 36 -5.91 -15.20 36.59
C PHE C 36 -5.82 -14.36 35.32
N GLU C 37 -6.27 -13.12 35.44
CA GLU C 37 -6.35 -12.21 34.30
C GLU C 37 -5.00 -11.76 33.78
N GLY C 38 -4.01 -11.61 34.65
CA GLY C 38 -2.63 -11.23 34.23
C GLY C 38 -2.02 -12.38 33.42
N ALA C 39 -2.18 -13.62 33.89
CA ALA C 39 -1.72 -14.76 33.12
C ALA C 39 -2.44 -14.84 31.76
N ALA C 40 -3.75 -14.54 31.76
CA ALA C 40 -4.53 -14.64 30.57
C ALA C 40 -3.97 -13.66 29.52
N ALA C 41 -3.66 -12.45 29.96
CA ALA C 41 -3.11 -11.44 29.11
C ALA C 41 -1.77 -11.87 28.51
N PHE C 42 -0.86 -12.34 29.36
CA PHE C 42 0.41 -12.89 28.88
C PHE C 42 0.24 -13.96 27.78
N LEU C 43 -0.63 -14.90 28.01
CA LEU C 43 -0.85 -15.91 27.07
C LEU C 43 -1.49 -15.39 25.75
N ARG C 44 -2.44 -14.46 25.84
CA ARG C 44 -3.01 -13.84 24.63
C ARG C 44 -1.89 -13.19 23.85
N ARG C 45 -1.03 -12.38 24.49
CA ARG C 45 0.14 -11.81 23.78
C ARG C 45 1.05 -12.89 23.23
N HIS C 46 1.21 -13.98 23.96
CA HIS C 46 2.09 -14.97 23.42
C HIS C 46 1.51 -15.78 22.26
N ALA C 47 0.20 -15.88 22.24
CA ALA C 47 -0.46 -16.57 21.10
C ALA C 47 -0.21 -15.76 19.82
N GLN C 48 -0.21 -14.44 19.95
N GLN C 48 -0.20 -14.43 19.92
CA GLN C 48 0.13 -13.55 18.83
CA GLN C 48 0.14 -13.58 18.76
C GLN C 48 1.57 -13.75 18.37
C GLN C 48 1.58 -13.81 18.35
N GLU C 49 2.48 -13.83 19.32
CA GLU C 49 3.91 -14.15 19.03
C GLU C 49 4.03 -15.43 18.21
N GLU C 50 3.39 -16.52 18.66
CA GLU C 50 3.48 -17.77 17.93
C GLU C 50 2.95 -17.71 16.52
N MET C 51 1.90 -16.93 16.32
CA MET C 51 1.42 -16.68 15.00
C MET C 51 2.45 -16.06 14.05
N THR C 52 3.29 -15.17 14.57
CA THR C 52 4.32 -14.59 13.71
C THR C 52 5.37 -15.69 13.37
N HIS C 53 5.56 -16.67 14.28
CA HIS C 53 6.52 -17.77 14.02
C HIS C 53 5.92 -18.68 12.91
N MET C 54 4.59 -18.86 12.93
CA MET C 54 3.89 -19.54 11.86
C MET C 54 4.11 -18.80 10.53
N GLN C 55 3.91 -17.48 10.53
N GLN C 55 3.91 -17.48 10.55
CA GLN C 55 3.93 -16.70 9.28
CA GLN C 55 3.90 -16.70 9.33
C GLN C 55 5.30 -16.73 8.66
C GLN C 55 5.28 -16.68 8.68
N ARG C 56 6.33 -16.69 9.49
CA ARG C 56 7.70 -16.64 8.94
C ARG C 56 8.02 -17.94 8.16
N LEU C 57 7.52 -19.09 8.64
CA LEU C 57 7.61 -20.35 7.93
C LEU C 57 6.77 -20.35 6.68
N PHE C 58 5.54 -19.87 6.80
CA PHE C 58 4.64 -19.76 5.68
C PHE C 58 5.36 -18.99 4.56
N ASP C 59 5.96 -17.83 4.91
CA ASP C 59 6.58 -17.01 3.91
C ASP C 59 7.86 -17.68 3.28
N TYR C 60 8.59 -18.44 4.10
CA TYR C 60 9.79 -19.13 3.58
C TYR C 60 9.31 -20.18 2.57
N LEU C 61 8.28 -20.89 2.92
CA LEU C 61 7.81 -21.86 1.96
C LEU C 61 7.34 -21.19 0.64
N THR C 62 6.55 -20.12 0.72
CA THR C 62 6.06 -19.50 -0.49
C THR C 62 7.21 -18.89 -1.26
N ASP C 63 8.14 -18.26 -0.55
CA ASP C 63 9.31 -17.69 -1.22
C ASP C 63 10.22 -18.68 -1.88
N THR C 64 10.22 -19.93 -1.47
CA THR C 64 11.05 -20.93 -2.17
C THR C 64 10.25 -21.66 -3.28
N GLY C 65 9.07 -21.15 -3.60
CA GLY C 65 8.23 -21.72 -4.67
C GLY C 65 7.34 -22.87 -4.23
N ASN C 66 7.10 -22.99 -2.95
CA ASN C 66 6.24 -24.06 -2.47
C ASN C 66 4.89 -23.51 -2.01
N LEU C 67 3.99 -24.39 -1.73
CA LEU C 67 2.65 -24.01 -1.35
C LEU C 67 2.47 -24.60 0.04
N PRO C 68 2.65 -23.76 1.05
CA PRO C 68 2.45 -24.25 2.40
C PRO C 68 0.99 -24.62 2.55
N ARG C 69 0.75 -25.53 3.46
CA ARG C 69 -0.60 -26.10 3.56
C ARG C 69 -0.92 -26.13 5.05
N ILE C 70 -1.97 -25.44 5.44
CA ILE C 70 -2.55 -25.51 6.77
C ILE C 70 -3.42 -26.74 6.81
N ASN C 71 -3.00 -27.68 7.62
CA ASN C 71 -3.74 -28.93 7.83
C ASN C 71 -4.78 -28.75 8.93
N THR C 72 -5.63 -29.71 9.08
CA THR C 72 -6.59 -29.75 10.15
C THR C 72 -5.88 -29.51 11.46
N VAL C 73 -6.46 -28.66 12.29
CA VAL C 73 -5.90 -28.38 13.57
C VAL C 73 -6.83 -28.93 14.60
N GLU C 74 -6.34 -29.87 15.36
CA GLU C 74 -7.07 -30.47 16.45
C GLU C 74 -7.33 -29.44 17.55
N SER C 75 -8.45 -29.61 18.18
CA SER C 75 -8.92 -28.73 19.20
C SER C 75 -7.88 -28.63 20.27
N PRO C 76 -7.43 -27.43 20.61
CA PRO C 76 -6.57 -27.32 21.77
C PRO C 76 -7.25 -27.45 23.16
N PHE C 77 -8.56 -27.59 23.22
CA PHE C 77 -9.26 -27.54 24.53
C PHE C 77 -8.70 -28.56 25.49
N ALA C 78 -8.35 -28.16 26.71
CA ALA C 78 -7.95 -29.13 27.73
C ALA C 78 -8.40 -28.68 29.11
N GLU C 79 -8.39 -29.60 30.07
CA GLU C 79 -8.59 -29.23 31.47
C GLU C 79 -7.21 -29.11 32.11
N TYR C 80 -7.07 -28.13 32.97
CA TYR C 80 -5.89 -27.99 33.78
C TYR C 80 -6.37 -28.02 35.24
N SER C 81 -5.62 -28.73 36.07
CA SER C 81 -5.89 -28.81 37.49
C SER C 81 -5.39 -27.58 38.31
N SER C 82 -4.53 -26.73 37.74
CA SER C 82 -3.95 -25.58 38.47
C SER C 82 -3.25 -24.69 37.47
N LEU C 83 -2.94 -23.47 37.90
CA LEU C 83 -2.17 -22.55 37.11
C LEU C 83 -0.72 -23.08 36.85
N ASP C 84 -0.20 -23.70 37.89
CA ASP C 84 1.09 -24.32 37.83
C ASP C 84 1.13 -25.40 36.75
N GLU C 85 0.15 -26.29 36.75
CA GLU C 85 0.15 -27.34 35.78
C GLU C 85 0.06 -26.75 34.32
N LEU C 86 -0.71 -25.68 34.14
CA LEU C 86 -0.87 -25.06 32.80
C LEU C 86 0.48 -24.52 32.28
N PHE C 87 1.23 -23.88 33.16
CA PHE C 87 2.58 -23.41 32.81
C PHE C 87 3.58 -24.53 32.64
N GLN C 88 3.36 -25.68 33.31
CA GLN C 88 4.21 -26.84 33.05
C GLN C 88 3.96 -27.29 31.62
N GLU C 89 2.69 -27.29 31.22
CA GLU C 89 2.39 -27.65 29.85
C GLU C 89 2.99 -26.66 28.80
N THR C 90 3.01 -25.37 29.08
CA THR C 90 3.53 -24.43 28.08
C THR C 90 5.04 -24.65 27.94
N TYR C 91 5.69 -24.85 29.07
CA TYR C 91 7.10 -25.21 29.06
C TYR C 91 7.41 -26.51 28.25
N LYS C 92 6.68 -27.57 28.50
CA LYS C 92 6.88 -28.78 27.74
C LYS C 92 6.66 -28.50 26.26
N LEU C 93 5.61 -27.76 25.91
CA LEU C 93 5.36 -27.47 24.52
C LEU C 93 6.59 -26.73 23.91
N GLU C 94 7.14 -25.80 24.65
CA GLU C 94 8.21 -25.04 24.11
C GLU C 94 9.42 -25.96 23.95
N GLN C 95 9.64 -26.88 24.89
CA GLN C 95 10.73 -27.85 24.67
C GLN C 95 10.50 -28.73 23.43
N LEU C 96 9.26 -29.13 23.18
CA LEU C 96 8.97 -29.87 21.97
C LEU C 96 9.33 -29.01 20.73
N ILE C 97 8.91 -27.75 20.71
CA ILE C 97 9.21 -26.85 19.58
C ILE C 97 10.73 -26.75 19.35
N THR C 98 11.45 -26.56 20.45
CA THR C 98 12.91 -26.49 20.41
C THR C 98 13.51 -27.70 19.72
N GLN C 99 12.99 -28.87 20.12
CA GLN C 99 13.48 -30.13 19.63
C GLN C 99 13.16 -30.34 18.14
N LYS C 100 11.96 -29.98 17.72
CA LYS C 100 11.60 -30.03 16.32
C LYS C 100 12.39 -29.07 15.43
N ILE C 101 12.74 -27.90 15.98
CA ILE C 101 13.63 -26.99 15.27
C ILE C 101 15.01 -27.57 15.15
N ASN C 102 15.54 -28.19 16.24
CA ASN C 102 16.83 -28.87 16.14
C ASN C 102 16.83 -30.04 15.18
N GLU C 103 15.73 -30.77 15.09
CA GLU C 103 15.65 -31.84 14.10
C GLU C 103 15.61 -31.28 12.68
N LEU C 104 14.93 -30.16 12.52
CA LEU C 104 14.91 -29.51 11.22
C LEU C 104 16.30 -29.04 10.76
N ALA C 105 17.06 -28.50 11.71
CA ALA C 105 18.39 -28.00 11.45
C ALA C 105 19.32 -29.14 11.04
N HIS C 106 19.21 -30.23 11.79
CA HIS C 106 19.96 -31.44 11.48
C HIS C 106 19.56 -32.00 10.08
N ALA C 107 18.26 -32.14 9.86
CA ALA C 107 17.80 -32.51 8.48
C ALA C 107 18.38 -31.56 7.43
N ALA C 108 18.44 -30.26 7.74
CA ALA C 108 19.00 -29.31 6.71
C ALA C 108 20.48 -29.59 6.44
N MET C 109 21.27 -29.82 7.49
CA MET C 109 22.65 -30.27 7.27
C MET C 109 22.82 -31.55 6.49
N THR C 110 22.10 -32.59 6.89
CA THR C 110 22.17 -33.90 6.25
C THR C 110 21.86 -33.77 4.74
N ASN C 111 20.86 -32.97 4.39
CA ASN C 111 20.44 -32.69 3.03
C ASN C 111 21.23 -31.59 2.36
N GLN C 112 22.21 -31.00 3.04
CA GLN C 112 23.05 -29.98 2.42
C GLN C 112 22.26 -28.81 1.94
N ASP C 113 21.30 -28.40 2.77
CA ASP C 113 20.37 -27.31 2.50
C ASP C 113 20.79 -26.11 3.33
N TYR C 114 21.77 -25.36 2.81
CA TYR C 114 22.30 -24.25 3.52
C TYR C 114 21.37 -23.08 3.65
N PRO C 115 20.52 -22.85 2.60
CA PRO C 115 19.52 -21.80 2.73
C PRO C 115 18.56 -22.08 3.86
N THR C 116 18.10 -23.30 3.97
CA THR C 116 17.21 -23.66 5.10
C THR C 116 17.90 -23.68 6.44
N PHE C 117 19.10 -24.24 6.51
CA PHE C 117 19.87 -24.19 7.77
C PHE C 117 20.01 -22.75 8.25
N ASN C 118 20.31 -21.84 7.33
CA ASN C 118 20.39 -20.39 7.64
C ASN C 118 19.06 -19.76 8.16
N PHE C 119 17.98 -20.05 7.42
CA PHE C 119 16.62 -19.70 7.81
C PHE C 119 16.27 -20.14 9.24
N LEU C 120 16.62 -21.39 9.60
CA LEU C 120 16.30 -21.94 10.89
C LEU C 120 17.03 -21.33 12.07
N GLN C 121 18.09 -20.60 11.81
CA GLN C 121 18.84 -19.94 12.89
C GLN C 121 18.03 -18.92 13.68
N TRP C 122 17.12 -18.25 13.02
CA TRP C 122 16.16 -17.40 13.73
C TRP C 122 15.39 -18.18 14.81
N TYR C 123 14.87 -19.35 14.45
CA TYR C 123 14.16 -20.26 15.34
C TYR C 123 15.04 -20.83 16.45
N VAL C 124 16.27 -21.21 16.13
CA VAL C 124 17.17 -21.71 17.15
C VAL C 124 17.33 -20.67 18.25
N SER C 125 17.64 -19.45 17.84
CA SER C 125 17.81 -18.34 18.72
C SER C 125 16.54 -17.94 19.48
N GLU C 126 15.44 -17.93 18.76
CA GLU C 126 14.16 -17.64 19.38
C GLU C 126 13.78 -18.64 20.46
N GLN C 127 14.02 -19.91 20.18
CA GLN C 127 13.59 -20.93 21.11
C GLN C 127 14.42 -20.88 22.39
N HIS C 128 15.66 -20.42 22.29
CA HIS C 128 16.49 -20.19 23.47
C HIS C 128 15.85 -19.13 24.39
N GLU C 129 15.39 -18.01 23.82
CA GLU C 129 14.60 -16.97 24.51
C GLU C 129 13.25 -17.49 25.08
N GLU C 130 12.54 -18.30 24.30
CA GLU C 130 11.27 -18.86 24.72
C GLU C 130 11.39 -19.75 25.93
N GLU C 131 12.43 -20.58 25.92
CA GLU C 131 12.65 -21.48 27.04
C GLU C 131 13.01 -20.75 28.34
N LYS C 132 13.82 -19.72 28.24
CA LYS C 132 14.12 -18.91 29.42
C LYS C 132 12.88 -18.23 29.99
N LEU C 133 12.05 -17.70 29.09
CA LEU C 133 10.85 -16.98 29.46
C LEU C 133 9.93 -17.96 30.18
N PHE C 134 9.65 -19.13 29.59
CA PHE C 134 8.67 -20.02 30.21
C PHE C 134 9.24 -20.72 31.46
N LYS C 135 10.54 -21.02 31.46
CA LYS C 135 11.16 -21.48 32.68
C LYS C 135 11.07 -20.42 33.85
N SER C 136 11.30 -19.15 33.53
CA SER C 136 11.24 -18.14 34.60
C SER C 136 9.87 -18.07 35.25
N ILE C 137 8.79 -18.33 34.47
CA ILE C 137 7.42 -18.34 35.00
C ILE C 137 7.23 -19.53 35.94
N ILE C 138 7.67 -20.69 35.52
CA ILE C 138 7.58 -21.84 36.44
C ILE C 138 8.38 -21.58 37.71
N ASP C 139 9.51 -20.91 37.58
CA ASP C 139 10.37 -20.60 38.73
C ASP C 139 9.73 -19.59 39.72
N LYS C 140 9.04 -18.59 39.20
CA LYS C 140 8.19 -17.71 40.01
C LYS C 140 7.13 -18.48 40.74
N LEU C 141 6.46 -19.34 40.00
CA LEU C 141 5.40 -20.14 40.60
C LEU C 141 5.92 -21.06 41.72
N SER C 142 7.10 -21.71 41.56
CA SER C 142 7.56 -22.67 42.59
C SER C 142 8.01 -21.92 43.81
N LEU C 143 8.56 -20.75 43.59
CA LEU C 143 8.98 -19.88 44.67
C LEU C 143 7.81 -19.22 45.44
N ALA C 144 6.88 -18.56 44.73
CA ALA C 144 5.82 -17.75 45.38
C ALA C 144 4.37 -18.18 45.12
N GLY C 145 4.20 -19.29 44.44
CA GLY C 145 2.91 -19.73 44.00
C GLY C 145 2.12 -20.60 44.97
N LYS C 146 2.57 -20.80 46.20
CA LYS C 146 1.85 -21.68 47.13
C LYS C 146 0.83 -21.00 48.03
N SER C 147 0.62 -19.70 47.90
CA SER C 147 -0.49 -19.02 48.58
C SER C 147 -1.28 -18.19 47.56
N GLY C 148 -2.51 -17.84 47.91
CA GLY C 148 -3.32 -16.98 47.07
C GLY C 148 -2.63 -15.62 46.92
N GLU C 149 -2.04 -15.14 47.99
CA GLU C 149 -1.35 -13.88 47.97
C GLU C 149 -0.18 -13.90 46.95
N GLY C 150 0.57 -15.00 46.98
CA GLY C 150 1.66 -15.20 46.07
C GLY C 150 1.19 -15.23 44.64
N LEU C 151 0.14 -15.98 44.41
CA LEU C 151 -0.46 -16.08 43.09
C LEU C 151 -0.95 -14.71 42.61
N TYR C 152 -1.52 -13.92 43.51
CA TYR C 152 -2.00 -12.61 43.12
C TYR C 152 -0.86 -11.74 42.61
N PHE C 153 0.27 -11.74 43.30
CA PHE C 153 1.45 -11.06 42.76
C PHE C 153 2.05 -11.59 41.45
N ILE C 154 2.18 -12.88 41.32
CA ILE C 154 2.68 -13.42 40.08
C ILE C 154 1.71 -13.09 38.95
N ASP C 155 0.40 -13.19 39.20
CA ASP C 155 -0.54 -12.81 38.22
C ASP C 155 -0.29 -11.36 37.78
N LYS C 156 -0.03 -10.45 38.72
CA LYS C 156 0.26 -9.04 38.37
C LYS C 156 1.47 -8.89 37.48
N GLU C 157 2.51 -9.59 37.86
CA GLU C 157 3.72 -9.58 37.06
C GLU C 157 3.44 -10.09 35.65
N LEU C 158 2.66 -11.17 35.56
CA LEU C 158 2.40 -11.81 34.27
C LEU C 158 1.69 -10.77 33.37
N SER C 159 0.92 -9.86 33.97
CA SER C 159 0.09 -9.02 33.15
C SER C 159 0.93 -8.10 32.28
N THR C 160 2.18 -7.83 32.61
CA THR C 160 3.03 -6.95 31.80
C THR C 160 4.36 -7.60 31.47
N LEU C 161 4.56 -8.89 31.84
CA LEU C 161 5.77 -9.60 31.50
C LEU C 161 5.98 -9.65 30.00
N ASP C 162 7.24 -9.46 29.64
CA ASP C 162 7.77 -9.57 28.27
C ASP C 162 7.13 -8.53 27.36
N THR C 163 7.00 -7.28 27.83
CA THR C 163 6.37 -6.24 26.99
C THR C 163 7.31 -5.07 26.56
N GLN C 164 8.58 -5.07 27.01
CA GLN C 164 9.66 -4.31 26.28
C GLN C 164 10.99 -5.05 26.34
N HIS D 1 -25.65 -14.86 33.71
CA HIS D 1 -24.88 -14.94 32.43
C HIS D 1 -25.90 -15.24 31.32
N LEU D 2 -25.38 -15.53 30.13
CA LEU D 2 -26.12 -15.79 28.92
C LEU D 2 -26.85 -17.14 28.87
N LYS D 3 -27.80 -17.26 27.96
CA LYS D 3 -28.44 -18.53 27.67
C LYS D 3 -27.61 -19.48 26.83
N PRO D 4 -27.84 -20.82 26.96
CA PRO D 4 -26.99 -21.81 26.35
C PRO D 4 -27.02 -21.67 24.85
N GLU D 5 -28.18 -21.37 24.31
CA GLU D 5 -28.26 -21.18 22.91
C GLU D 5 -27.31 -20.03 22.46
N MET D 6 -27.29 -18.91 23.17
CA MET D 6 -26.53 -17.75 22.75
C MET D 6 -25.05 -18.09 22.89
N ILE D 7 -24.71 -18.80 23.99
CA ILE D 7 -23.31 -19.19 24.24
C ILE D 7 -22.78 -20.05 23.10
N GLU D 8 -23.61 -20.97 22.63
CA GLU D 8 -23.24 -21.84 21.56
C GLU D 8 -23.14 -21.10 20.20
N LYS D 9 -24.06 -20.20 19.88
CA LYS D 9 -23.98 -19.52 18.61
C LYS D 9 -22.77 -18.58 18.62
N LEU D 10 -22.42 -18.02 19.79
CA LEU D 10 -21.31 -17.11 19.88
C LEU D 10 -20.05 -17.90 19.68
N ASN D 11 -20.01 -19.08 20.32
CA ASN D 11 -18.80 -19.90 20.22
C ASN D 11 -18.57 -20.36 18.78
N GLU D 12 -19.65 -20.77 18.14
CA GLU D 12 -19.58 -21.23 16.74
C GLU D 12 -19.17 -20.05 15.82
N GLN D 13 -19.60 -18.84 16.12
CA GLN D 13 -19.17 -17.70 15.29
C GLN D 13 -17.68 -17.40 15.55
N MET D 14 -17.23 -17.48 16.81
N MET D 14 -17.24 -17.48 16.82
CA MET D 14 -15.81 -17.37 17.09
CA MET D 14 -15.82 -17.39 17.15
C MET D 14 -15.01 -18.31 16.18
C MET D 14 -14.99 -18.31 16.24
N ASN D 15 -15.41 -19.57 16.15
CA ASN D 15 -14.76 -20.55 15.30
C ASN D 15 -14.83 -20.28 13.79
N LEU D 16 -15.97 -19.76 13.35
CA LEU D 16 -16.13 -19.40 11.95
C LEU D 16 -15.14 -18.25 11.64
N GLU D 17 -14.96 -17.31 12.58
CA GLU D 17 -14.03 -16.21 12.27
C GLU D 17 -12.53 -16.72 12.14
N LEU D 18 -12.15 -17.56 13.08
CA LEU D 18 -10.87 -18.28 13.09
C LEU D 18 -10.65 -19.04 11.77
N TYR D 19 -11.66 -19.77 11.36
CA TYR D 19 -11.61 -20.48 10.07
C TYR D 19 -11.40 -19.50 8.93
N SER D 20 -12.15 -18.40 8.93
CA SER D 20 -11.99 -17.42 7.91
C SER D 20 -10.59 -16.86 7.86
N SER D 21 -10.04 -16.60 9.03
CA SER D 21 -8.66 -16.11 9.08
C SER D 21 -7.75 -17.06 8.34
N LEU D 22 -7.91 -18.36 8.62
CA LEU D 22 -6.96 -19.37 8.11
C LEU D 22 -7.22 -19.62 6.63
N LEU D 23 -8.44 -19.48 6.21
CA LEU D 23 -8.75 -19.53 4.79
C LEU D 23 -8.09 -18.38 4.04
N TYR D 24 -8.23 -17.16 4.54
CA TYR D 24 -7.55 -16.05 3.89
C TYR D 24 -6.05 -16.32 3.84
N GLN D 25 -5.51 -16.87 4.93
CA GLN D 25 -4.09 -17.14 5.01
C GLN D 25 -3.74 -18.14 3.93
N GLN D 26 -4.55 -19.19 3.79
CA GLN D 26 -4.25 -20.24 2.83
C GLN D 26 -4.40 -19.69 1.38
N MET D 27 -5.44 -18.92 1.15
CA MET D 27 -5.64 -18.29 -0.16
C MET D 27 -4.47 -17.38 -0.52
N SER D 28 -3.87 -16.77 0.48
CA SER D 28 -2.75 -15.92 0.18
C SER D 28 -1.62 -16.79 -0.41
N ALA D 29 -1.48 -18.02 0.08
CA ALA D 29 -0.45 -18.90 -0.50
C ALA D 29 -0.74 -19.21 -1.97
N TRP D 30 -2.00 -19.52 -2.30
CA TRP D 30 -2.35 -19.76 -3.69
C TRP D 30 -1.96 -18.59 -4.52
N CYS D 31 -2.21 -17.38 -4.03
CA CYS D 31 -1.91 -16.24 -4.80
C CYS D 31 -0.41 -16.06 -5.00
N SER D 32 0.38 -16.19 -3.92
CA SER D 32 1.86 -16.18 -4.01
C SER D 32 2.37 -17.18 -5.03
N TYR D 33 1.92 -18.41 -4.93
CA TYR D 33 2.35 -19.46 -5.86
C TYR D 33 2.02 -19.14 -7.32
N HIS D 34 0.96 -18.38 -7.57
CA HIS D 34 0.59 -18.05 -8.95
C HIS D 34 0.98 -16.64 -9.31
N THR D 35 1.83 -16.02 -8.48
CA THR D 35 2.56 -14.75 -8.76
C THR D 35 1.76 -13.48 -8.48
N PHE D 36 0.55 -13.62 -7.91
CA PHE D 36 -0.26 -12.47 -7.51
C PHE D 36 0.13 -12.03 -6.10
N GLU D 37 1.26 -11.36 -6.03
CA GLU D 37 1.90 -11.05 -4.75
C GLU D 37 1.12 -9.95 -4.06
N GLY D 38 0.56 -9.05 -4.85
CA GLY D 38 -0.30 -8.02 -4.26
C GLY D 38 -1.60 -8.57 -3.62
N ALA D 39 -2.30 -9.38 -4.37
CA ALA D 39 -3.42 -10.14 -3.82
C ALA D 39 -3.01 -10.95 -2.56
N ALA D 40 -1.84 -11.57 -2.61
CA ALA D 40 -1.34 -12.32 -1.47
C ALA D 40 -1.13 -11.38 -0.26
N ALA D 41 -0.57 -10.19 -0.48
CA ALA D 41 -0.39 -9.29 0.62
C ALA D 41 -1.74 -8.84 1.23
N PHE D 42 -2.72 -8.54 0.39
CA PHE D 42 -4.06 -8.14 0.86
C PHE D 42 -4.68 -9.28 1.67
N LEU D 43 -4.58 -10.51 1.18
CA LEU D 43 -5.19 -11.62 1.86
C LEU D 43 -4.53 -11.87 3.22
N ARG D 44 -3.20 -11.73 3.28
CA ARG D 44 -2.46 -11.86 4.54
C ARG D 44 -2.95 -10.84 5.56
N ARG D 45 -3.07 -9.58 5.14
CA ARG D 45 -3.59 -8.52 6.04
C ARG D 45 -5.01 -8.81 6.48
N HIS D 46 -5.81 -9.35 5.59
CA HIS D 46 -7.14 -9.60 5.97
C HIS D 46 -7.28 -10.79 6.93
N ALA D 47 -6.40 -11.79 6.77
CA ALA D 47 -6.38 -12.93 7.65
C ALA D 47 -6.14 -12.39 9.07
N GLN D 48 -5.29 -11.37 9.22
N GLN D 48 -5.28 -11.38 9.20
CA GLN D 48 -4.99 -10.79 10.54
CA GLN D 48 -4.99 -10.78 10.51
C GLN D 48 -6.22 -10.06 11.09
C GLN D 48 -6.26 -10.14 11.06
N GLU D 49 -6.96 -9.42 10.18
CA GLU D 49 -8.20 -8.71 10.53
C GLU D 49 -9.20 -9.73 11.07
N GLU D 50 -9.38 -10.86 10.37
CA GLU D 50 -10.34 -11.82 10.84
C GLU D 50 -9.98 -12.44 12.19
N MET D 51 -8.69 -12.66 12.43
CA MET D 51 -8.20 -13.02 13.72
C MET D 51 -8.67 -12.05 14.80
N THR D 52 -8.71 -10.74 14.53
CA THR D 52 -9.22 -9.79 15.56
C THR D 52 -10.74 -9.98 15.79
N HIS D 53 -11.46 -10.34 14.72
CA HIS D 53 -12.87 -10.64 14.87
C HIS D 53 -13.09 -11.83 15.82
N MET D 54 -12.30 -12.85 15.64
CA MET D 54 -12.28 -14.03 16.50
C MET D 54 -12.03 -13.66 17.96
N GLN D 55 -11.05 -12.78 18.19
CA GLN D 55 -10.61 -12.39 19.51
C GLN D 55 -11.70 -11.62 20.26
N ARG D 56 -12.39 -10.76 19.54
CA ARG D 56 -13.39 -9.95 20.17
C ARG D 56 -14.55 -10.86 20.69
N LEU D 57 -14.87 -11.92 19.96
CA LEU D 57 -15.86 -12.90 20.45
C LEU D 57 -15.32 -13.73 21.63
N PHE D 58 -14.08 -14.16 21.51
CA PHE D 58 -13.39 -14.87 22.56
C PHE D 58 -13.49 -14.02 23.85
N ASP D 59 -13.16 -12.73 23.75
CA ASP D 59 -13.11 -11.89 24.91
C ASP D 59 -14.53 -11.64 25.50
N TYR D 60 -15.55 -11.58 24.65
CA TYR D 60 -16.88 -11.40 25.15
C TYR D 60 -17.32 -12.63 25.90
N LEU D 61 -16.95 -13.80 25.37
CA LEU D 61 -17.26 -15.04 26.04
C LEU D 61 -16.55 -15.13 27.39
N THR D 62 -15.30 -14.73 27.49
CA THR D 62 -14.60 -14.85 28.77
C THR D 62 -15.15 -13.83 29.74
N ASP D 63 -15.41 -12.61 29.25
CA ASP D 63 -15.89 -11.59 30.10
C ASP D 63 -17.26 -11.90 30.61
N THR D 64 -18.02 -12.80 29.99
CA THR D 64 -19.35 -13.07 30.52
C THR D 64 -19.37 -14.30 31.38
N GLY D 65 -18.17 -14.75 31.75
CA GLY D 65 -18.07 -15.87 32.69
C GLY D 65 -18.10 -17.19 32.00
N ASN D 66 -17.95 -17.17 30.69
CA ASN D 66 -17.91 -18.40 29.95
C ASN D 66 -16.50 -18.75 29.51
N LEU D 67 -16.40 -19.92 28.94
CA LEU D 67 -15.17 -20.47 28.53
C LEU D 67 -15.26 -20.67 27.02
N PRO D 68 -14.74 -19.75 26.22
CA PRO D 68 -14.74 -20.08 24.79
C PRO D 68 -14.02 -21.39 24.47
N ARG D 69 -14.43 -22.10 23.44
CA ARG D 69 -13.77 -23.34 23.05
C ARG D 69 -13.40 -23.27 21.56
N ILE D 70 -12.11 -23.34 21.27
CA ILE D 70 -11.61 -23.47 19.90
C ILE D 70 -11.75 -24.92 19.56
N ASN D 71 -12.65 -25.20 18.64
CA ASN D 71 -12.89 -26.53 18.15
C ASN D 71 -11.89 -26.86 17.05
N THR D 72 -11.93 -28.12 16.62
CA THR D 72 -11.15 -28.60 15.50
C THR D 72 -11.43 -27.77 14.26
N VAL D 73 -10.39 -27.39 13.55
CA VAL D 73 -10.55 -26.58 12.36
C VAL D 73 -10.12 -27.41 11.17
N GLU D 74 -11.02 -27.65 10.26
CA GLU D 74 -10.73 -28.41 9.08
C GLU D 74 -9.77 -27.58 8.22
N SER D 75 -8.93 -28.26 7.47
CA SER D 75 -7.95 -27.65 6.59
C SER D 75 -8.64 -26.72 5.66
N PRO D 76 -8.15 -25.50 5.53
CA PRO D 76 -8.75 -24.61 4.54
C PRO D 76 -8.25 -24.84 3.12
N PHE D 77 -7.39 -25.82 2.93
CA PHE D 77 -6.75 -25.99 1.61
C PHE D 77 -7.76 -26.25 0.47
N ALA D 78 -7.55 -25.60 -0.66
CA ALA D 78 -8.39 -25.85 -1.84
C ALA D 78 -7.65 -25.48 -3.12
N GLU D 79 -8.14 -26.03 -4.21
CA GLU D 79 -7.70 -25.67 -5.52
C GLU D 79 -8.59 -24.49 -5.99
N TYR D 80 -8.00 -23.46 -6.60
CA TYR D 80 -8.77 -22.44 -7.31
C TYR D 80 -8.42 -22.51 -8.81
N SER D 81 -9.41 -22.34 -9.68
CA SER D 81 -9.13 -22.30 -11.11
C SER D 81 -8.64 -20.91 -11.52
N SER D 82 -8.82 -19.87 -10.72
CA SER D 82 -8.37 -18.53 -11.14
C SER D 82 -8.40 -17.61 -9.97
N LEU D 83 -7.87 -16.42 -10.13
CA LEU D 83 -7.90 -15.44 -9.11
C LEU D 83 -9.31 -14.90 -8.93
N ASP D 84 -9.99 -14.79 -10.04
CA ASP D 84 -11.39 -14.42 -10.02
C ASP D 84 -12.17 -15.45 -9.26
N GLU D 85 -11.99 -16.74 -9.50
CA GLU D 85 -12.71 -17.72 -8.67
C GLU D 85 -12.38 -17.56 -7.13
N LEU D 86 -11.13 -17.34 -6.79
CA LEU D 86 -10.74 -17.25 -5.39
C LEU D 86 -11.50 -16.08 -4.72
N PHE D 87 -11.55 -14.94 -5.41
CA PHE D 87 -12.23 -13.76 -4.89
C PHE D 87 -13.74 -13.88 -4.87
N GLN D 88 -14.28 -14.66 -5.77
CA GLN D 88 -15.69 -15.01 -5.69
C GLN D 88 -15.94 -15.78 -4.39
N GLU D 89 -15.02 -16.68 -4.01
CA GLU D 89 -15.18 -17.47 -2.79
C GLU D 89 -15.02 -16.61 -1.54
N THR D 90 -14.12 -15.60 -1.54
CA THR D 90 -13.98 -14.76 -0.39
C THR D 90 -15.26 -13.96 -0.13
N TYR D 91 -15.88 -13.50 -1.23
CA TYR D 91 -17.15 -12.76 -1.13
C TYR D 91 -18.29 -13.62 -0.63
N LYS D 92 -18.38 -14.83 -1.14
N LYS D 92 -18.40 -14.84 -1.16
CA LYS D 92 -19.37 -15.77 -0.65
CA LYS D 92 -19.37 -15.81 -0.66
C LYS D 92 -19.13 -16.12 0.81
C LYS D 92 -19.12 -16.08 0.82
N LEU D 93 -17.86 -16.23 1.22
CA LEU D 93 -17.57 -16.47 2.66
C LEU D 93 -18.06 -15.25 3.51
N GLU D 94 -17.78 -14.03 3.06
CA GLU D 94 -18.20 -12.86 3.81
C GLU D 94 -19.71 -12.77 3.89
N GLN D 95 -20.41 -13.14 2.81
CA GLN D 95 -21.91 -13.24 2.85
C GLN D 95 -22.39 -14.22 3.85
N LEU D 96 -21.72 -15.37 3.97
CA LEU D 96 -22.12 -16.36 4.96
C LEU D 96 -21.95 -15.76 6.39
N ILE D 97 -20.79 -15.14 6.63
CA ILE D 97 -20.46 -14.47 7.91
C ILE D 97 -21.47 -13.39 8.28
N THR D 98 -21.85 -12.57 7.31
CA THR D 98 -22.94 -11.59 7.49
C THR D 98 -24.28 -12.25 7.91
N GLN D 99 -24.70 -13.28 7.19
CA GLN D 99 -25.90 -14.04 7.53
C GLN D 99 -25.85 -14.66 8.94
N LYS D 100 -24.72 -15.24 9.33
CA LYS D 100 -24.59 -15.78 10.71
C LYS D 100 -24.69 -14.72 11.77
N ILE D 101 -24.15 -13.54 11.47
CA ILE D 101 -24.19 -12.43 12.40
C ILE D 101 -25.63 -11.94 12.52
N ASN D 102 -26.33 -11.88 11.38
CA ASN D 102 -27.76 -11.53 11.46
C ASN D 102 -28.62 -12.55 12.19
N GLU D 103 -28.31 -13.84 12.06
CA GLU D 103 -29.03 -14.85 12.81
C GLU D 103 -28.70 -14.73 14.26
N LEU D 104 -27.46 -14.39 14.58
CA LEU D 104 -27.08 -14.17 16.00
C LEU D 104 -27.81 -12.94 16.60
N ALA D 105 -27.98 -11.88 15.80
CA ALA D 105 -28.59 -10.61 16.30
C ALA D 105 -30.07 -10.91 16.56
N HIS D 106 -30.66 -11.69 15.66
CA HIS D 106 -32.01 -12.11 15.77
C HIS D 106 -32.22 -12.98 17.02
N ALA D 107 -31.39 -13.99 17.17
CA ALA D 107 -31.46 -14.83 18.38
C ALA D 107 -31.29 -13.95 19.62
N ALA D 108 -30.37 -12.97 19.59
CA ALA D 108 -30.23 -12.07 20.76
C ALA D 108 -31.51 -11.35 21.11
N MET D 109 -32.12 -10.74 20.09
CA MET D 109 -33.42 -10.04 20.28
C MET D 109 -34.52 -10.89 20.81
N THR D 110 -34.68 -12.06 20.21
CA THR D 110 -35.81 -12.85 20.65
C THR D 110 -35.55 -13.51 22.00
N ASN D 111 -34.29 -13.72 22.39
CA ASN D 111 -33.96 -14.21 23.77
C ASN D 111 -33.89 -13.02 24.76
N GLN D 112 -34.19 -11.82 24.28
CA GLN D 112 -34.07 -10.65 25.11
C GLN D 112 -32.68 -10.52 25.73
N ASP D 113 -31.64 -10.83 24.99
CA ASP D 113 -30.30 -10.66 25.48
C ASP D 113 -29.76 -9.33 24.88
N TYR D 114 -30.03 -8.24 25.60
CA TYR D 114 -29.65 -6.92 25.10
C TYR D 114 -28.14 -6.69 25.14
N PRO D 115 -27.42 -7.20 26.19
CA PRO D 115 -25.94 -7.16 26.09
C PRO D 115 -25.33 -7.77 24.82
N THR D 116 -25.79 -8.94 24.41
CA THR D 116 -25.25 -9.58 23.23
C THR D 116 -25.66 -8.85 21.94
N PHE D 117 -26.90 -8.36 21.88
CA PHE D 117 -27.43 -7.63 20.75
C PHE D 117 -26.56 -6.39 20.55
N ASN D 118 -26.25 -5.74 21.65
CA ASN D 118 -25.36 -4.60 21.58
C ASN D 118 -23.96 -4.97 21.11
N PHE D 119 -23.38 -6.01 21.74
CA PHE D 119 -22.10 -6.47 21.32
C PHE D 119 -22.05 -6.76 19.81
N LEU D 120 -23.14 -7.31 19.28
CA LEU D 120 -23.13 -7.81 17.89
C LEU D 120 -23.17 -6.66 16.89
N GLN D 121 -23.60 -5.48 17.34
CA GLN D 121 -23.66 -4.33 16.49
C GLN D 121 -22.33 -3.98 15.81
N TRP D 122 -21.22 -4.19 16.50
CA TRP D 122 -19.91 -4.01 15.92
C TRP D 122 -19.76 -4.87 14.67
N TYR D 123 -20.20 -6.12 14.76
CA TYR D 123 -20.16 -7.06 13.64
C TYR D 123 -21.13 -6.73 12.50
N VAL D 124 -22.31 -6.20 12.84
CA VAL D 124 -23.24 -5.83 11.84
C VAL D 124 -22.66 -4.75 10.98
N SER D 125 -22.07 -3.77 11.65
CA SER D 125 -21.43 -2.66 11.00
C SER D 125 -20.13 -3.12 10.24
N GLU D 126 -19.29 -3.91 10.89
CA GLU D 126 -18.16 -4.45 10.17
C GLU D 126 -18.51 -5.25 8.93
N GLN D 127 -19.51 -6.12 9.02
CA GLN D 127 -19.84 -6.95 7.85
C GLN D 127 -20.37 -6.15 6.65
N HIS D 128 -21.02 -5.04 6.94
CA HIS D 128 -21.44 -4.09 5.91
C HIS D 128 -20.19 -3.57 5.14
N GLU D 129 -19.19 -3.21 5.89
CA GLU D 129 -17.95 -2.74 5.26
C GLU D 129 -17.18 -3.89 4.53
N GLU D 130 -17.16 -5.09 5.13
CA GLU D 130 -16.47 -6.26 4.56
C GLU D 130 -17.05 -6.56 3.19
N GLU D 131 -18.38 -6.55 3.10
CA GLU D 131 -19.03 -6.82 1.87
C GLU D 131 -18.79 -5.78 0.80
N LYS D 132 -18.80 -4.53 1.16
CA LYS D 132 -18.45 -3.47 0.18
C LYS D 132 -17.02 -3.71 -0.36
N LEU D 133 -16.08 -4.01 0.54
CA LEU D 133 -14.67 -4.18 0.13
C LEU D 133 -14.51 -5.37 -0.83
N PHE D 134 -15.02 -6.52 -0.42
CA PHE D 134 -14.83 -7.72 -1.26
C PHE D 134 -15.64 -7.64 -2.56
N LYS D 135 -16.80 -6.98 -2.55
CA LYS D 135 -17.53 -6.81 -3.80
C LYS D 135 -16.76 -5.89 -4.78
N SER D 136 -16.08 -4.88 -4.23
CA SER D 136 -15.32 -3.97 -5.05
C SER D 136 -14.13 -4.66 -5.75
N ILE D 137 -13.56 -5.69 -5.13
CA ILE D 137 -12.45 -6.38 -5.74
C ILE D 137 -12.97 -7.19 -6.92
N ILE D 138 -14.07 -7.88 -6.70
CA ILE D 138 -14.68 -8.62 -7.77
C ILE D 138 -15.12 -7.69 -8.91
N ASP D 139 -15.57 -6.48 -8.56
CA ASP D 139 -15.89 -5.47 -9.60
C ASP D 139 -14.69 -5.03 -10.39
N LYS D 140 -13.55 -4.83 -9.70
CA LYS D 140 -12.27 -4.53 -10.42
C LYS D 140 -11.86 -5.66 -11.36
N LEU D 141 -11.87 -6.87 -10.86
CA LEU D 141 -11.54 -8.04 -11.73
C LEU D 141 -12.47 -8.17 -12.97
N SER D 142 -13.77 -7.95 -12.77
CA SER D 142 -14.76 -7.92 -13.87
C SER D 142 -14.50 -6.82 -14.96
N LEU D 143 -14.07 -5.66 -14.54
CA LEU D 143 -13.82 -4.57 -15.45
C LEU D 143 -12.51 -4.76 -16.17
N ALA D 144 -11.44 -5.05 -15.42
CA ALA D 144 -10.10 -4.96 -15.89
C ALA D 144 -9.37 -6.30 -15.87
N GLY D 145 -10.01 -7.34 -15.42
CA GLY D 145 -9.33 -8.59 -15.10
C GLY D 145 -9.18 -9.55 -16.24
N LYS D 146 -9.56 -9.14 -17.44
CA LYS D 146 -9.53 -10.09 -18.58
C LYS D 146 -8.21 -10.13 -19.42
N SER D 147 -7.17 -9.42 -19.00
CA SER D 147 -5.87 -9.48 -19.66
C SER D 147 -4.82 -9.52 -18.58
N GLY D 148 -3.64 -9.96 -18.96
CA GLY D 148 -2.54 -10.10 -18.00
C GLY D 148 -2.20 -8.72 -17.52
N GLU D 149 -2.28 -7.77 -18.42
CA GLU D 149 -1.99 -6.40 -18.12
C GLU D 149 -2.97 -5.85 -17.01
N GLY D 150 -4.25 -6.15 -17.19
CA GLY D 150 -5.25 -5.74 -16.25
C GLY D 150 -5.02 -6.38 -14.88
N LEU D 151 -4.67 -7.68 -14.87
CA LEU D 151 -4.43 -8.41 -13.63
C LEU D 151 -3.25 -7.80 -12.95
N TYR D 152 -2.24 -7.46 -13.75
CA TYR D 152 -1.06 -6.78 -13.24
C TYR D 152 -1.43 -5.51 -12.46
N PHE D 153 -2.30 -4.67 -13.01
CA PHE D 153 -2.69 -3.50 -12.24
C PHE D 153 -3.57 -3.71 -11.01
N ILE D 154 -4.49 -4.64 -11.11
CA ILE D 154 -5.35 -4.96 -9.99
C ILE D 154 -4.47 -5.53 -8.89
N ASP D 155 -3.51 -6.38 -9.28
CA ASP D 155 -2.61 -6.93 -8.30
C ASP D 155 -1.85 -5.83 -7.60
N LYS D 156 -1.43 -4.80 -8.35
CA LYS D 156 -0.79 -3.66 -7.73
C LYS D 156 -1.67 -2.92 -6.77
N GLU D 157 -2.90 -2.71 -7.19
CA GLU D 157 -3.80 -1.95 -6.38
C GLU D 157 -4.06 -2.78 -5.10
N LEU D 158 -4.13 -4.10 -5.23
CA LEU D 158 -4.45 -4.95 -4.09
C LEU D 158 -3.28 -4.90 -3.09
N SER D 159 -2.04 -4.73 -3.57
CA SER D 159 -0.91 -4.71 -2.61
C SER D 159 -1.02 -3.64 -1.51
N THR D 160 -1.74 -2.55 -1.75
CA THR D 160 -1.91 -1.51 -0.72
C THR D 160 -3.38 -1.23 -0.42
N LEU D 161 -4.29 -1.99 -1.03
CA LEU D 161 -5.72 -1.74 -0.85
C LEU D 161 -6.07 -1.88 0.61
N ASP D 162 -6.81 -0.88 1.09
CA ASP D 162 -7.49 -0.83 2.42
C ASP D 162 -6.49 -0.70 3.58
N THR D 163 -5.41 0.07 3.38
CA THR D 163 -4.43 0.31 4.44
C THR D 163 -4.56 1.76 4.94
N HIS E 1 -30.05 -9.08 -1.25
CA HIS E 1 -29.67 -7.92 -0.38
C HIS E 1 -30.83 -7.46 0.62
N LEU E 2 -31.49 -6.30 0.41
CA LEU E 2 -32.64 -5.83 1.22
C LEU E 2 -33.99 -6.18 0.67
N LYS E 3 -35.01 -6.24 1.52
CA LYS E 3 -36.37 -6.48 1.02
C LYS E 3 -36.94 -5.25 0.30
N PRO E 4 -37.84 -5.46 -0.70
CA PRO E 4 -38.52 -4.40 -1.45
C PRO E 4 -39.17 -3.33 -0.56
N GLU E 5 -39.82 -3.72 0.53
CA GLU E 5 -40.40 -2.79 1.46
C GLU E 5 -39.32 -1.86 2.13
N MET E 6 -38.16 -2.43 2.49
CA MET E 6 -37.10 -1.64 3.09
C MET E 6 -36.49 -0.68 2.09
N ILE E 7 -36.28 -1.14 0.86
CA ILE E 7 -35.63 -0.32 -0.18
C ILE E 7 -36.46 0.92 -0.46
N GLU E 8 -37.74 0.69 -0.56
CA GLU E 8 -38.72 1.68 -0.76
C GLU E 8 -38.89 2.69 0.38
N LYS E 9 -39.06 2.27 1.64
CA LYS E 9 -39.08 3.20 2.75
C LYS E 9 -37.77 4.01 2.88
N LEU E 10 -36.60 3.39 2.60
CA LEU E 10 -35.29 4.09 2.60
C LEU E 10 -35.27 5.17 1.52
N ASN E 11 -35.71 4.76 0.34
CA ASN E 11 -35.68 5.66 -0.79
C ASN E 11 -36.65 6.76 -0.47
N GLU E 12 -37.80 6.44 0.09
CA GLU E 12 -38.73 7.55 0.38
C GLU E 12 -38.13 8.51 1.44
N GLN E 13 -37.38 7.95 2.38
CA GLN E 13 -36.84 8.78 3.46
C GLN E 13 -35.76 9.69 2.90
N MET E 14 -34.97 9.17 1.97
N MET E 14 -34.96 9.16 1.97
CA MET E 14 -33.95 9.95 1.30
CA MET E 14 -33.94 9.93 1.28
C MET E 14 -34.56 11.15 0.59
C MET E 14 -34.55 11.15 0.59
N ASN E 15 -35.69 10.94 -0.06
CA ASN E 15 -36.44 12.04 -0.67
C ASN E 15 -37.04 13.01 0.38
N LEU E 16 -37.45 12.50 1.56
CA LEU E 16 -38.00 13.42 2.54
C LEU E 16 -36.87 14.32 3.06
N GLU E 17 -35.67 13.78 3.22
CA GLU E 17 -34.57 14.56 3.70
C GLU E 17 -34.17 15.66 2.65
N LEU E 18 -34.20 15.29 1.38
CA LEU E 18 -33.93 16.23 0.29
C LEU E 18 -34.97 17.34 0.38
N TYR E 19 -36.23 16.97 0.48
CA TYR E 19 -37.28 17.97 0.57
C TYR E 19 -37.02 18.92 1.77
N SER E 20 -36.67 18.32 2.92
CA SER E 20 -36.42 19.11 4.12
C SER E 20 -35.32 20.14 3.88
N SER E 21 -34.25 19.73 3.20
CA SER E 21 -33.16 20.62 2.87
C SER E 21 -33.68 21.85 2.07
N LEU E 22 -34.52 21.58 1.08
CA LEU E 22 -35.00 22.62 0.20
C LEU E 22 -36.00 23.45 0.95
N LEU E 23 -36.77 22.83 1.85
CA LEU E 23 -37.70 23.64 2.60
C LEU E 23 -36.95 24.59 3.51
N TYR E 24 -35.88 24.14 4.15
CA TYR E 24 -35.11 25.06 4.98
C TYR E 24 -34.48 26.14 4.13
N GLN E 25 -34.08 25.78 2.92
CA GLN E 25 -33.49 26.75 2.00
C GLN E 25 -34.51 27.80 1.66
N GLN E 26 -35.73 27.34 1.34
CA GLN E 26 -36.80 28.22 1.00
C GLN E 26 -37.18 29.12 2.16
N MET E 27 -37.30 28.56 3.36
CA MET E 27 -37.56 29.38 4.57
C MET E 27 -36.50 30.46 4.84
N SER E 28 -35.27 30.20 4.49
CA SER E 28 -34.24 31.16 4.76
C SER E 28 -34.49 32.34 3.79
N ALA E 29 -35.01 32.07 2.59
CA ALA E 29 -35.42 33.16 1.73
C ALA E 29 -36.56 33.98 2.36
N TRP E 30 -37.59 33.33 2.90
CA TRP E 30 -38.64 34.06 3.55
C TRP E 30 -38.02 34.92 4.67
N CYS E 31 -37.06 34.39 5.44
CA CYS E 31 -36.47 35.14 6.52
C CYS E 31 -35.66 36.37 6.04
N SER E 32 -34.79 36.20 5.03
CA SER E 32 -34.09 37.36 4.42
C SER E 32 -35.05 38.41 3.90
N TYR E 33 -36.09 37.98 3.21
CA TYR E 33 -37.04 38.90 2.65
C TYR E 33 -37.73 39.72 3.73
N HIS E 34 -37.94 39.11 4.89
CA HIS E 34 -38.58 39.81 6.01
C HIS E 34 -37.61 40.37 6.99
N THR E 35 -36.32 40.39 6.65
CA THR E 35 -35.27 41.10 7.40
C THR E 35 -34.69 40.30 8.55
N PHE E 36 -35.15 39.05 8.72
CA PHE E 36 -34.48 38.22 9.71
C PHE E 36 -33.27 37.49 9.15
N GLU E 37 -32.17 38.21 9.09
CA GLU E 37 -30.96 37.70 8.46
C GLU E 37 -30.26 36.62 9.26
N GLY E 38 -30.31 36.71 10.58
CA GLY E 38 -29.80 35.66 11.43
C GLY E 38 -30.50 34.31 11.29
N ALA E 39 -31.80 34.33 11.36
CA ALA E 39 -32.65 33.16 11.12
C ALA E 39 -32.34 32.62 9.73
N ALA E 40 -32.24 33.51 8.75
CA ALA E 40 -31.88 33.09 7.39
C ALA E 40 -30.54 32.36 7.36
N ALA E 41 -29.51 32.90 8.02
CA ALA E 41 -28.19 32.23 8.03
C ALA E 41 -28.31 30.82 8.68
N PHE E 42 -29.06 30.72 9.76
CA PHE E 42 -29.25 29.42 10.49
C PHE E 42 -30.01 28.40 9.62
N LEU E 43 -31.03 28.87 8.92
CA LEU E 43 -31.78 28.00 8.04
C LEU E 43 -30.95 27.47 6.90
N ARG E 44 -30.10 28.35 6.39
CA ARG E 44 -29.21 28.03 5.27
C ARG E 44 -28.19 26.93 5.68
N ARG E 45 -27.54 27.12 6.83
CA ARG E 45 -26.64 26.07 7.42
C ARG E 45 -27.41 24.76 7.63
N HIS E 46 -28.64 24.89 8.12
CA HIS E 46 -29.41 23.70 8.37
C HIS E 46 -29.85 23.01 7.10
N ALA E 47 -30.07 23.77 6.05
CA ALA E 47 -30.36 23.15 4.76
C ALA E 47 -29.22 22.26 4.34
N GLN E 48 -28.02 22.76 4.52
CA GLN E 48 -26.87 21.95 4.12
C GLN E 48 -26.77 20.67 4.96
N GLU E 49 -27.03 20.79 6.27
CA GLU E 49 -27.01 19.63 7.18
C GLU E 49 -28.00 18.55 6.69
N GLU E 50 -29.22 18.96 6.29
CA GLU E 50 -30.24 18.02 5.81
C GLU E 50 -29.82 17.36 4.55
N MET E 51 -29.07 18.07 3.74
CA MET E 51 -28.51 17.42 2.53
C MET E 51 -27.59 16.28 2.85
N THR E 52 -26.77 16.42 3.91
CA THR E 52 -25.89 15.32 4.34
C THR E 52 -26.74 14.13 4.86
N HIS E 53 -27.89 14.41 5.49
CA HIS E 53 -28.82 13.29 5.88
C HIS E 53 -29.33 12.57 4.65
N MET E 54 -29.59 13.37 3.60
CA MET E 54 -29.99 12.78 2.32
C MET E 54 -28.92 11.85 1.75
N GLN E 55 -27.72 12.38 1.69
CA GLN E 55 -26.56 11.67 1.13
C GLN E 55 -26.23 10.35 1.83
N ARG E 56 -26.36 10.34 3.13
CA ARG E 56 -26.03 9.13 3.90
C ARG E 56 -27.01 7.99 3.53
N LEU E 57 -28.26 8.30 3.23
CA LEU E 57 -29.29 7.31 2.80
C LEU E 57 -29.03 6.89 1.36
N PHE E 58 -28.68 7.88 0.54
CA PHE E 58 -28.26 7.66 -0.83
C PHE E 58 -27.08 6.65 -0.87
N ASP E 59 -26.06 6.89 -0.04
CA ASP E 59 -24.88 6.05 -0.02
C ASP E 59 -25.16 4.63 0.56
N TYR E 60 -26.07 4.51 1.55
CA TYR E 60 -26.46 3.20 2.03
C TYR E 60 -27.22 2.43 0.93
N LEU E 61 -28.08 3.11 0.20
CA LEU E 61 -28.81 2.43 -0.93
C LEU E 61 -27.82 1.92 -1.97
N THR E 62 -26.88 2.77 -2.40
CA THR E 62 -25.94 2.38 -3.39
C THR E 62 -25.02 1.31 -2.85
N ASP E 63 -24.56 1.43 -1.60
CA ASP E 63 -23.68 0.40 -1.00
C ASP E 63 -24.37 -0.96 -0.87
N THR E 64 -25.69 -0.99 -0.80
CA THR E 64 -26.39 -2.26 -0.68
C THR E 64 -26.82 -2.87 -2.06
N GLY E 65 -26.39 -2.26 -3.16
CA GLY E 65 -26.64 -2.81 -4.52
C GLY E 65 -27.87 -2.26 -5.14
N ASN E 66 -28.38 -1.16 -4.59
CA ASN E 66 -29.62 -0.59 -5.02
C ASN E 66 -29.32 0.75 -5.71
N LEU E 67 -30.30 1.25 -6.40
CA LEU E 67 -30.12 2.47 -7.19
C LEU E 67 -31.08 3.45 -6.51
N PRO E 68 -30.57 4.39 -5.68
CA PRO E 68 -31.43 5.40 -5.10
C PRO E 68 -32.07 6.23 -6.18
N ARG E 69 -33.32 6.69 -5.98
CA ARG E 69 -34.04 7.43 -7.03
C ARG E 69 -34.57 8.72 -6.42
N ILE E 70 -34.08 9.88 -6.88
CA ILE E 70 -34.56 11.20 -6.44
C ILE E 70 -35.83 11.42 -7.23
N ASN E 71 -36.95 11.47 -6.53
CA ASN E 71 -38.21 11.63 -7.17
C ASN E 71 -38.49 13.13 -7.42
N THR E 72 -39.57 13.44 -8.08
CA THR E 72 -39.97 14.81 -8.19
C THR E 72 -40.09 15.46 -6.82
N VAL E 73 -39.59 16.68 -6.66
CA VAL E 73 -39.79 17.36 -5.38
C VAL E 73 -40.85 18.41 -5.55
N GLU E 74 -41.83 18.40 -4.67
CA GLU E 74 -42.80 19.43 -4.59
C GLU E 74 -42.14 20.77 -4.20
N SER E 75 -42.62 21.85 -4.78
CA SER E 75 -42.19 23.18 -4.38
C SER E 75 -42.34 23.37 -2.89
N PRO E 76 -41.25 23.71 -2.17
CA PRO E 76 -41.33 24.06 -0.75
C PRO E 76 -41.90 25.47 -0.50
N PHE E 77 -42.19 26.20 -1.57
CA PHE E 77 -42.65 27.57 -1.44
C PHE E 77 -43.93 27.70 -0.58
N ALA E 78 -43.95 28.68 0.31
CA ALA E 78 -45.08 28.91 1.17
C ALA E 78 -45.02 30.32 1.77
N GLU E 79 -46.16 30.73 2.28
CA GLU E 79 -46.30 31.95 3.04
C GLU E 79 -46.41 31.60 4.53
N TYR E 80 -45.84 32.46 5.34
CA TYR E 80 -45.91 32.33 6.79
C TYR E 80 -46.41 33.68 7.28
N SER E 81 -47.20 33.67 8.34
CA SER E 81 -47.68 34.94 8.92
C SER E 81 -46.66 35.56 9.92
N SER E 82 -45.61 34.84 10.30
CA SER E 82 -44.72 35.31 11.33
C SER E 82 -43.53 34.37 11.33
N LEU E 83 -42.41 34.85 11.86
CA LEU E 83 -41.22 34.02 12.06
C LEU E 83 -41.53 32.86 13.01
N ASP E 84 -42.41 33.14 13.93
CA ASP E 84 -42.88 32.16 14.86
C ASP E 84 -43.64 31.04 14.17
N GLU E 85 -44.58 31.38 13.27
CA GLU E 85 -45.23 30.34 12.55
C GLU E 85 -44.19 29.54 11.72
N LEU E 86 -43.20 30.21 11.17
CA LEU E 86 -42.26 29.52 10.29
C LEU E 86 -41.52 28.42 11.13
N PHE E 87 -41.06 28.81 12.32
CA PHE E 87 -40.35 27.84 13.21
C PHE E 87 -41.25 26.79 13.84
N GLN E 88 -42.53 27.11 14.05
CA GLN E 88 -43.49 26.05 14.33
C GLN E 88 -43.45 24.99 13.25
N GLU E 89 -43.33 25.43 11.99
CA GLU E 89 -43.38 24.48 10.89
C GLU E 89 -42.09 23.65 10.82
N THR E 90 -40.96 24.25 11.14
CA THR E 90 -39.74 23.51 11.11
C THR E 90 -39.82 22.40 12.15
N TYR E 91 -40.36 22.72 13.31
CA TYR E 91 -40.50 21.73 14.38
C TYR E 91 -41.46 20.57 14.03
N LYS E 92 -42.59 20.89 13.41
CA LYS E 92 -43.47 19.86 12.90
C LYS E 92 -42.78 19.00 11.85
N LEU E 93 -42.04 19.63 10.96
CA LEU E 93 -41.34 18.87 9.94
C LEU E 93 -40.34 17.86 10.61
N GLU E 94 -39.62 18.33 11.62
CA GLU E 94 -38.66 17.52 12.31
C GLU E 94 -39.34 16.40 13.10
N GLN E 95 -40.53 16.64 13.60
CA GLN E 95 -41.29 15.54 14.26
C GLN E 95 -41.79 14.52 13.27
N LEU E 96 -42.15 14.96 12.07
CA LEU E 96 -42.53 14.04 11.04
C LEU E 96 -41.31 13.15 10.64
N ILE E 97 -40.14 13.77 10.49
CA ILE E 97 -38.93 13.01 10.11
C ILE E 97 -38.62 11.92 11.22
N THR E 98 -38.59 12.37 12.47
CA THR E 98 -38.47 11.50 13.65
C THR E 98 -39.43 10.29 13.57
N GLN E 99 -40.70 10.56 13.26
CA GLN E 99 -41.72 9.52 13.15
C GLN E 99 -41.43 8.55 11.97
N LYS E 100 -41.05 9.07 10.81
CA LYS E 100 -40.74 8.21 9.67
C LYS E 100 -39.51 7.37 9.95
N ILE E 101 -38.59 7.95 10.70
CA ILE E 101 -37.38 7.15 11.04
C ILE E 101 -37.78 6.01 11.98
N ASN E 102 -38.66 6.30 12.93
CA ASN E 102 -39.08 5.28 13.87
C ASN E 102 -39.90 4.22 13.14
N GLU E 103 -40.64 4.62 12.12
CA GLU E 103 -41.35 3.62 11.33
C GLU E 103 -40.42 2.77 10.53
N LEU E 104 -39.35 3.39 10.08
CA LEU E 104 -38.38 2.66 9.33
C LEU E 104 -37.65 1.66 10.24
N ALA E 105 -37.33 2.07 11.47
CA ALA E 105 -36.66 1.18 12.42
C ALA E 105 -37.51 -0.06 12.76
N HIS E 106 -38.79 0.19 13.01
CA HIS E 106 -39.79 -0.84 13.28
C HIS E 106 -39.95 -1.79 12.07
N ALA E 107 -40.09 -1.25 10.85
CA ALA E 107 -40.06 -2.10 9.65
C ALA E 107 -38.78 -2.94 9.60
N ALA E 108 -37.67 -2.36 10.00
CA ALA E 108 -36.41 -3.11 9.96
C ALA E 108 -36.44 -4.30 10.89
N MET E 109 -36.97 -4.05 12.08
CA MET E 109 -37.13 -5.14 13.08
C MET E 109 -38.07 -6.21 12.60
N THR E 110 -39.22 -5.80 12.11
CA THR E 110 -40.18 -6.80 11.79
C THR E 110 -39.73 -7.54 10.51
N ASN E 111 -38.94 -6.91 9.62
CA ASN E 111 -38.36 -7.66 8.49
C ASN E 111 -37.03 -8.39 8.88
N GLN E 112 -36.62 -8.29 10.12
CA GLN E 112 -35.38 -8.89 10.58
C GLN E 112 -34.24 -8.43 9.73
N ASP E 113 -34.21 -7.11 9.47
CA ASP E 113 -33.15 -6.49 8.72
C ASP E 113 -32.20 -5.77 9.69
N TYR E 114 -31.23 -6.50 10.23
CA TYR E 114 -30.35 -5.98 11.24
C TYR E 114 -29.35 -4.94 10.76
N PRO E 115 -28.83 -5.09 9.53
CA PRO E 115 -27.97 -4.04 8.92
C PRO E 115 -28.74 -2.74 8.78
N THR E 116 -30.00 -2.78 8.37
CA THR E 116 -30.75 -1.56 8.24
C THR E 116 -31.08 -0.96 9.62
N PHE E 117 -31.51 -1.79 10.53
CA PHE E 117 -31.75 -1.30 11.89
C PHE E 117 -30.55 -0.62 12.46
N ASN E 118 -29.37 -1.18 12.20
CA ASN E 118 -28.16 -0.61 12.73
C ASN E 118 -27.86 0.72 11.98
N PHE E 119 -27.98 0.76 10.65
CA PHE E 119 -27.79 1.98 9.90
C PHE E 119 -28.70 3.11 10.41
N LEU E 120 -29.91 2.77 10.75
CA LEU E 120 -30.88 3.78 11.17
C LEU E 120 -30.61 4.42 12.51
N GLN E 121 -29.75 3.83 13.34
CA GLN E 121 -29.54 4.38 14.69
C GLN E 121 -28.92 5.77 14.62
N TRP E 122 -28.09 5.99 13.60
CA TRP E 122 -27.56 7.33 13.34
C TRP E 122 -28.69 8.32 13.22
N TYR E 123 -29.75 7.99 12.50
CA TYR E 123 -30.94 8.87 12.40
C TYR E 123 -31.77 8.99 13.67
N VAL E 124 -31.85 7.94 14.46
CA VAL E 124 -32.64 8.02 15.66
C VAL E 124 -31.99 9.06 16.60
N SER E 125 -30.69 8.92 16.75
CA SER E 125 -29.91 9.78 17.52
C SER E 125 -29.87 11.25 16.97
N GLU E 126 -29.70 11.41 15.66
CA GLU E 126 -29.72 12.74 15.09
C GLU E 126 -31.07 13.40 15.29
N GLN E 127 -32.15 12.64 15.13
CA GLN E 127 -33.48 13.23 15.31
C GLN E 127 -33.76 13.69 16.72
N HIS E 128 -33.19 12.97 17.72
CA HIS E 128 -33.22 13.45 19.11
C HIS E 128 -32.54 14.86 19.21
N GLU E 129 -31.37 15.02 18.62
CA GLU E 129 -30.71 16.31 18.62
C GLU E 129 -31.47 17.39 17.80
N GLU E 130 -32.12 17.02 16.68
CA GLU E 130 -32.84 17.97 15.86
C GLU E 130 -34.01 18.54 16.57
N GLU E 131 -34.81 17.67 17.18
CA GLU E 131 -35.95 18.14 17.96
C GLU E 131 -35.59 19.06 19.10
N LYS E 132 -34.50 18.80 19.84
CA LYS E 132 -34.09 19.76 20.89
C LYS E 132 -33.73 21.15 20.33
N LEU E 133 -32.99 21.17 19.23
CA LEU E 133 -32.52 22.40 18.60
C LEU E 133 -33.76 23.18 18.15
N PHE E 134 -34.65 22.57 17.38
CA PHE E 134 -35.85 23.30 16.93
C PHE E 134 -36.86 23.68 18.03
N LYS E 135 -37.05 22.81 18.99
CA LYS E 135 -37.89 23.15 20.10
C LYS E 135 -37.27 24.37 20.88
N SER E 136 -35.95 24.41 21.05
CA SER E 136 -35.33 25.48 21.85
C SER E 136 -35.54 26.81 21.14
N ILE E 137 -35.62 26.79 19.80
CA ILE E 137 -35.83 28.05 19.06
C ILE E 137 -37.27 28.56 19.26
N ILE E 138 -38.22 27.67 19.13
CA ILE E 138 -39.56 27.98 19.50
C ILE E 138 -39.72 28.54 20.93
N ASP E 139 -38.99 27.98 21.89
CA ASP E 139 -38.97 28.44 23.28
C ASP E 139 -38.41 29.87 23.41
N LYS E 140 -37.34 30.15 22.70
CA LYS E 140 -36.81 31.51 22.63
C LYS E 140 -37.88 32.46 22.11
N LEU E 141 -38.58 32.06 21.05
CA LEU E 141 -39.56 32.91 20.46
C LEU E 141 -40.76 33.14 21.38
N SER E 142 -41.26 32.09 22.07
CA SER E 142 -42.30 32.26 23.12
C SER E 142 -41.92 33.21 24.21
N LEU E 143 -40.68 33.12 24.66
CA LEU E 143 -40.25 33.89 25.79
C LEU E 143 -40.07 35.35 25.39
N ALA E 144 -39.26 35.64 24.34
CA ALA E 144 -38.80 37.02 24.00
C ALA E 144 -39.28 37.49 22.63
N GLY E 145 -40.07 36.70 21.92
CA GLY E 145 -40.44 37.04 20.57
C GLY E 145 -41.63 37.95 20.37
N LYS E 146 -42.18 38.52 21.42
CA LYS E 146 -43.39 39.31 21.25
C LYS E 146 -43.12 40.80 20.97
N SER E 147 -41.85 41.23 20.91
CA SER E 147 -41.55 42.61 20.52
C SER E 147 -40.48 42.62 19.40
N GLY E 148 -40.43 43.70 18.61
CA GLY E 148 -39.31 43.92 17.70
C GLY E 148 -37.94 43.70 18.35
N GLU E 149 -37.80 44.20 19.55
CA GLU E 149 -36.58 44.13 20.26
C GLU E 149 -36.12 42.69 20.53
N GLY E 150 -37.02 41.92 21.14
CA GLY E 150 -36.84 40.50 21.33
C GLY E 150 -36.48 39.78 20.03
N LEU E 151 -37.23 40.04 18.94
CA LEU E 151 -36.94 39.42 17.65
C LEU E 151 -35.58 39.76 17.18
N TYR E 152 -35.23 41.02 17.34
CA TYR E 152 -33.90 41.48 17.03
C TYR E 152 -32.83 40.63 17.69
N PHE E 153 -32.96 40.40 18.98
CA PHE E 153 -31.98 39.64 19.69
C PHE E 153 -32.03 38.16 19.38
N ILE E 154 -33.23 37.64 19.22
CA ILE E 154 -33.34 36.27 18.85
C ILE E 154 -32.71 36.06 17.49
N ASP E 155 -32.93 37.04 16.61
CA ASP E 155 -32.36 36.91 15.25
C ASP E 155 -30.83 36.84 15.33
N LYS E 156 -30.26 37.67 16.21
CA LYS E 156 -28.82 37.70 16.40
C LYS E 156 -28.25 36.41 16.96
N GLU E 157 -28.92 35.89 17.96
CA GLU E 157 -28.53 34.58 18.46
C GLU E 157 -28.60 33.52 17.34
N LEU E 158 -29.64 33.58 16.50
CA LEU E 158 -29.80 32.58 15.46
C LEU E 158 -28.65 32.67 14.50
N SER E 159 -28.11 33.89 14.30
CA SER E 159 -27.04 34.02 13.31
C SER E 159 -25.81 33.15 13.60
N THR E 160 -25.57 32.79 14.85
CA THR E 160 -24.44 31.90 15.22
C THR E 160 -24.92 30.61 15.92
N LEU E 161 -26.22 30.38 16.06
CA LEU E 161 -26.71 29.17 16.75
C LEU E 161 -26.17 27.91 16.10
N ASP E 162 -25.74 26.98 16.95
CA ASP E 162 -25.34 25.61 16.54
C ASP E 162 -24.19 25.59 15.54
N THR E 163 -23.15 26.42 15.73
CA THR E 163 -22.06 26.57 14.71
C THR E 163 -20.73 25.95 15.14
N HIS F 1 24.59 9.10 -34.89
CA HIS F 1 25.17 10.19 -35.75
C HIS F 1 26.67 10.38 -35.45
N LEU F 2 27.20 9.81 -34.35
CA LEU F 2 28.65 9.65 -34.18
C LEU F 2 29.29 8.78 -35.26
N LYS F 3 30.50 9.12 -35.68
CA LYS F 3 31.24 8.28 -36.62
C LYS F 3 31.78 7.04 -35.93
N PRO F 4 31.86 5.94 -36.69
CA PRO F 4 32.33 4.68 -36.12
C PRO F 4 33.67 4.78 -35.47
N GLU F 5 34.59 5.55 -36.05
CA GLU F 5 35.85 5.75 -35.39
C GLU F 5 35.69 6.30 -33.95
N MET F 6 34.87 7.33 -33.80
CA MET F 6 34.68 7.96 -32.48
C MET F 6 33.97 7.04 -31.47
N ILE F 7 32.94 6.33 -31.95
CA ILE F 7 32.25 5.34 -31.14
C ILE F 7 33.22 4.33 -30.57
N GLU F 8 34.11 3.79 -31.41
CA GLU F 8 35.04 2.81 -30.91
C GLU F 8 36.15 3.35 -30.00
N LYS F 9 36.69 4.50 -30.32
CA LYS F 9 37.62 5.15 -29.40
C LYS F 9 37.03 5.42 -28.04
N LEU F 10 35.75 5.86 -28.00
CA LEU F 10 35.10 6.08 -26.77
C LEU F 10 34.89 4.72 -26.07
N ASN F 11 34.51 3.69 -26.82
CA ASN F 11 34.29 2.37 -26.20
C ASN F 11 35.56 1.79 -25.60
N GLU F 12 36.65 1.95 -26.33
CA GLU F 12 37.95 1.52 -25.85
C GLU F 12 38.34 2.31 -24.61
N GLN F 13 38.11 3.62 -24.60
CA GLN F 13 38.44 4.35 -23.42
C GLN F 13 37.60 3.92 -22.19
N MET F 14 36.32 3.60 -22.42
N MET F 14 36.33 3.59 -22.44
CA MET F 14 35.50 3.03 -21.36
CA MET F 14 35.48 3.04 -21.38
C MET F 14 36.15 1.81 -20.75
C MET F 14 36.11 1.80 -20.76
N ASN F 15 36.66 0.94 -21.60
CA ASN F 15 37.32 -0.26 -21.15
C ASN F 15 38.66 0.01 -20.45
N LEU F 16 39.37 1.03 -20.90
CA LEU F 16 40.60 1.46 -20.20
C LEU F 16 40.26 1.94 -18.76
N GLU F 17 39.22 2.72 -18.63
CA GLU F 17 38.76 3.20 -17.33
C GLU F 17 38.38 2.00 -16.45
N LEU F 18 37.68 1.01 -17.02
CA LEU F 18 37.27 -0.19 -16.28
C LEU F 18 38.53 -0.98 -15.83
N TYR F 19 39.46 -1.17 -16.75
CA TYR F 19 40.71 -1.78 -16.42
C TYR F 19 41.40 -1.06 -15.30
N SER F 20 41.40 0.24 -15.36
CA SER F 20 42.11 0.99 -14.35
C SER F 20 41.51 0.79 -12.95
N SER F 21 40.19 0.83 -12.85
CA SER F 21 39.48 0.52 -11.62
C SER F 21 39.98 -0.82 -11.07
N LEU F 22 39.98 -1.86 -11.91
CA LEU F 22 40.37 -3.19 -11.43
C LEU F 22 41.85 -3.25 -11.03
N LEU F 23 42.68 -2.49 -11.73
CA LEU F 23 44.09 -2.42 -11.37
C LEU F 23 44.22 -1.80 -9.98
N TYR F 24 43.52 -0.70 -9.75
CA TYR F 24 43.69 -0.07 -8.46
C TYR F 24 43.22 -1.00 -7.34
N GLN F 25 42.13 -1.72 -7.58
CA GLN F 25 41.57 -2.69 -6.64
C GLN F 25 42.61 -3.78 -6.35
N GLN F 26 43.16 -4.33 -7.43
CA GLN F 26 44.15 -5.30 -7.31
C GLN F 26 45.36 -4.80 -6.52
N MET F 27 45.88 -3.63 -6.87
CA MET F 27 47.00 -3.01 -6.12
C MET F 27 46.65 -2.86 -4.62
N SER F 28 45.40 -2.60 -4.31
CA SER F 28 45.08 -2.40 -2.90
C SER F 28 45.38 -3.69 -2.16
N ALA F 29 45.18 -4.82 -2.80
CA ALA F 29 45.41 -6.10 -2.14
C ALA F 29 46.92 -6.31 -1.91
N TRP F 30 47.73 -5.92 -2.90
CA TRP F 30 49.16 -5.91 -2.65
C TRP F 30 49.49 -5.07 -1.44
N CYS F 31 48.89 -3.88 -1.32
CA CYS F 31 49.20 -3.06 -0.18
C CYS F 31 48.78 -3.73 1.15
N SER F 32 47.56 -4.25 1.18
CA SER F 32 47.06 -4.96 2.37
C SER F 32 47.97 -6.09 2.83
N TYR F 33 48.37 -6.92 1.89
CA TYR F 33 49.24 -8.08 2.13
C TYR F 33 50.60 -7.68 2.67
N HIS F 34 51.08 -6.49 2.27
CA HIS F 34 52.40 -5.98 2.64
C HIS F 34 52.30 -4.98 3.70
N THR F 35 51.06 -4.82 4.25
CA THR F 35 50.85 -4.21 5.52
C THR F 35 50.54 -2.70 5.35
N PHE F 36 50.52 -2.17 4.11
CA PHE F 36 50.17 -0.77 3.88
C PHE F 36 48.67 -0.54 3.78
N GLU F 37 48.02 -0.57 4.94
CA GLU F 37 46.55 -0.51 5.01
C GLU F 37 46.00 0.83 4.59
N GLY F 38 46.74 1.92 4.85
CA GLY F 38 46.33 3.22 4.41
C GLY F 38 46.37 3.36 2.87
N ALA F 39 47.49 2.97 2.29
CA ALA F 39 47.63 2.87 0.80
C ALA F 39 46.51 2.02 0.19
N ALA F 40 46.18 0.92 0.86
CA ALA F 40 45.17 0.01 0.38
C ALA F 40 43.82 0.74 0.40
N ALA F 41 43.52 1.50 1.46
CA ALA F 41 42.28 2.22 1.54
C ALA F 41 42.14 3.30 0.42
N PHE F 42 43.23 3.99 0.19
CA PHE F 42 43.28 5.00 -0.83
C PHE F 42 43.04 4.37 -2.23
N LEU F 43 43.68 3.26 -2.51
CA LEU F 43 43.51 2.58 -3.76
C LEU F 43 42.13 2.02 -3.94
N ARG F 44 41.51 1.50 -2.88
CA ARG F 44 40.10 1.01 -3.00
C ARG F 44 39.21 2.18 -3.36
N ARG F 45 39.37 3.32 -2.70
CA ARG F 45 38.54 4.49 -3.02
C ARG F 45 38.79 4.96 -4.46
N HIS F 46 40.02 4.89 -4.90
CA HIS F 46 40.32 5.33 -6.24
C HIS F 46 39.81 4.37 -7.28
N ALA F 47 39.83 3.10 -6.93
CA ALA F 47 39.18 2.10 -7.77
C ALA F 47 37.73 2.46 -8.08
N GLN F 48 37.05 2.89 -7.04
CA GLN F 48 35.65 3.31 -7.19
C GLN F 48 35.52 4.57 -8.05
N GLU F 49 36.38 5.53 -7.82
CA GLU F 49 36.45 6.73 -8.64
C GLU F 49 36.63 6.39 -10.13
N GLU F 50 37.52 5.46 -10.47
CA GLU F 50 37.70 5.09 -11.86
C GLU F 50 36.47 4.49 -12.48
N MET F 51 35.72 3.76 -11.68
CA MET F 51 34.46 3.18 -12.13
C MET F 51 33.48 4.28 -12.50
N THR F 52 33.46 5.36 -11.74
CA THR F 52 32.58 6.45 -12.17
C THR F 52 33.07 7.03 -13.54
N HIS F 53 34.37 6.90 -13.86
CA HIS F 53 34.86 7.42 -15.15
C HIS F 53 34.38 6.54 -16.30
N MET F 54 34.43 5.24 -16.08
N MET F 54 34.40 5.24 -16.06
CA MET F 54 33.80 4.24 -16.93
CA MET F 54 33.84 4.26 -16.99
C MET F 54 32.32 4.60 -17.16
C MET F 54 32.37 4.52 -17.22
N GLN F 55 31.57 4.79 -16.07
N GLN F 55 31.64 4.82 -16.14
CA GLN F 55 30.12 4.95 -16.19
CA GLN F 55 30.19 4.94 -16.25
C GLN F 55 29.78 6.17 -17.09
C GLN F 55 29.80 6.16 -17.10
N ARG F 56 30.57 7.22 -16.98
CA ARG F 56 30.24 8.44 -17.65
C ARG F 56 30.42 8.22 -19.19
N LEU F 57 31.44 7.48 -19.59
CA LEU F 57 31.62 7.08 -20.98
C LEU F 57 30.56 6.11 -21.46
N PHE F 58 30.21 5.18 -20.59
CA PHE F 58 29.09 4.28 -20.86
C PHE F 58 27.81 5.08 -21.08
N ASP F 59 27.55 6.08 -20.25
CA ASP F 59 26.35 6.88 -20.41
C ASP F 59 26.36 7.72 -21.71
N TYR F 60 27.52 8.31 -22.06
CA TYR F 60 27.58 9.08 -23.32
C TYR F 60 27.32 8.18 -24.54
N LEU F 61 27.90 6.99 -24.50
CA LEU F 61 27.67 6.06 -25.56
C LEU F 61 26.18 5.67 -25.71
N THR F 62 25.53 5.31 -24.60
CA THR F 62 24.09 4.97 -24.64
C THR F 62 23.20 6.14 -25.04
N ASP F 63 23.49 7.31 -24.48
CA ASP F 63 22.75 8.52 -24.83
C ASP F 63 22.93 8.98 -26.27
N THR F 64 23.97 8.55 -26.98
CA THR F 64 24.11 8.90 -28.37
C THR F 64 23.53 7.82 -29.25
N GLY F 65 22.80 6.85 -28.68
CA GLY F 65 22.16 5.78 -29.48
C GLY F 65 23.07 4.59 -29.75
N ASN F 66 24.14 4.44 -28.98
CA ASN F 66 25.06 3.35 -29.30
C ASN F 66 24.99 2.33 -28.16
N LEU F 67 25.69 1.24 -28.34
CA LEU F 67 25.68 0.10 -27.42
C LEU F 67 27.11 -0.02 -26.88
N PRO F 68 27.35 0.45 -25.64
CA PRO F 68 28.71 0.25 -25.12
C PRO F 68 29.00 -1.27 -25.00
N ARG F 69 30.23 -1.68 -25.16
CA ARG F 69 30.58 -3.10 -25.11
C ARG F 69 31.80 -3.24 -24.20
N ILE F 70 31.62 -4.01 -23.14
CA ILE F 70 32.65 -4.40 -22.25
C ILE F 70 33.40 -5.55 -22.83
N ASN F 71 34.67 -5.30 -23.08
CA ASN F 71 35.48 -6.30 -23.71
C ASN F 71 36.07 -7.27 -22.70
N THR F 72 36.81 -8.26 -23.15
CA THR F 72 37.70 -9.08 -22.33
C THR F 72 38.54 -8.14 -21.42
N VAL F 73 38.65 -8.43 -20.12
CA VAL F 73 39.50 -7.62 -19.22
C VAL F 73 40.68 -8.47 -18.78
N GLU F 74 41.88 -8.04 -19.12
CA GLU F 74 43.09 -8.72 -18.77
C GLU F 74 43.24 -8.72 -17.23
N SER F 75 43.74 -9.80 -16.69
CA SER F 75 44.01 -9.83 -15.29
C SER F 75 44.92 -8.66 -14.93
N PRO F 76 44.53 -7.83 -13.98
CA PRO F 76 45.47 -6.81 -13.52
C PRO F 76 46.53 -7.31 -12.50
N PHE F 77 46.54 -8.60 -12.19
CA PHE F 77 47.49 -9.11 -11.18
C PHE F 77 48.95 -8.79 -11.56
N ALA F 78 49.73 -8.30 -10.62
CA ALA F 78 51.18 -8.17 -10.86
C ALA F 78 51.91 -8.24 -9.50
N GLU F 79 53.23 -8.46 -9.58
CA GLU F 79 54.10 -8.35 -8.44
C GLU F 79 54.75 -6.97 -8.44
N TYR F 80 54.87 -6.36 -7.29
CA TYR F 80 55.66 -5.13 -7.19
C TYR F 80 56.80 -5.40 -6.18
N SER F 81 57.96 -4.82 -6.42
CA SER F 81 59.08 -5.01 -5.48
C SER F 81 58.97 -4.02 -4.32
N SER F 82 58.11 -3.01 -4.42
CA SER F 82 58.00 -2.01 -3.34
C SER F 82 56.78 -1.16 -3.51
N LEU F 83 56.41 -0.45 -2.46
CA LEU F 83 55.33 0.49 -2.51
C LEU F 83 55.65 1.66 -3.43
N ASP F 84 56.90 2.04 -3.48
CA ASP F 84 57.30 3.04 -4.42
C ASP F 84 57.05 2.61 -5.86
N GLU F 85 57.47 1.40 -6.21
CA GLU F 85 57.24 0.88 -7.56
C GLU F 85 55.76 0.82 -7.90
N LEU F 86 54.95 0.44 -6.94
CA LEU F 86 53.52 0.33 -7.17
C LEU F 86 52.99 1.68 -7.55
N PHE F 87 53.39 2.71 -6.81
CA PHE F 87 52.91 4.06 -7.17
C PHE F 87 53.53 4.70 -8.39
N GLN F 88 54.73 4.30 -8.78
CA GLN F 88 55.27 4.66 -10.11
C GLN F 88 54.35 4.15 -11.18
N GLU F 89 53.82 2.91 -11.04
CA GLU F 89 52.88 2.35 -11.99
C GLU F 89 51.54 3.00 -11.98
N THR F 90 51.02 3.43 -10.84
CA THR F 90 49.81 4.21 -10.89
C THR F 90 49.99 5.52 -11.75
N TYR F 91 51.11 6.20 -11.55
CA TYR F 91 51.43 7.43 -12.23
C TYR F 91 51.54 7.25 -13.75
N LYS F 92 52.24 6.22 -14.18
CA LYS F 92 52.30 5.87 -15.58
C LYS F 92 50.96 5.48 -16.15
N LEU F 93 50.15 4.74 -15.40
CA LEU F 93 48.83 4.38 -15.88
C LEU F 93 48.09 5.66 -16.14
N GLU F 94 48.18 6.58 -15.19
CA GLU F 94 47.44 7.82 -15.34
C GLU F 94 47.91 8.71 -16.49
N GLN F 95 49.20 8.70 -16.74
CA GLN F 95 49.76 9.34 -17.94
C GLN F 95 49.29 8.72 -19.24
N LEU F 96 49.14 7.40 -19.22
CA LEU F 96 48.68 6.72 -20.40
C LEU F 96 47.22 7.15 -20.63
N ILE F 97 46.47 7.24 -19.52
CA ILE F 97 45.03 7.60 -19.62
C ILE F 97 44.92 9.04 -20.16
N THR F 98 45.72 9.94 -19.61
CA THR F 98 45.80 11.34 -20.15
C THR F 98 46.09 11.36 -21.64
N GLN F 99 47.07 10.56 -22.09
CA GLN F 99 47.44 10.47 -23.51
C GLN F 99 46.31 9.97 -24.42
N LYS F 100 45.60 8.93 -23.97
CA LYS F 100 44.55 8.39 -24.74
C LYS F 100 43.39 9.37 -24.84
N ILE F 101 43.16 10.10 -23.75
CA ILE F 101 42.17 11.22 -23.79
C ILE F 101 42.55 12.32 -24.75
N ASN F 102 43.83 12.69 -24.81
CA ASN F 102 44.25 13.71 -25.79
C ASN F 102 44.15 13.24 -27.24
N GLU F 103 44.45 11.97 -27.45
CA GLU F 103 44.25 11.33 -28.74
C GLU F 103 42.81 11.30 -29.13
N LEU F 104 41.96 11.02 -28.15
CA LEU F 104 40.52 11.06 -28.40
C LEU F 104 40.02 12.46 -28.78
N ALA F 105 40.55 13.47 -28.09
CA ALA F 105 40.20 14.86 -28.39
C ALA F 105 40.69 15.28 -29.78
N HIS F 106 41.87 14.84 -30.13
CA HIS F 106 42.46 15.15 -31.45
C HIS F 106 41.68 14.53 -32.57
N ALA F 107 41.31 13.27 -32.38
CA ALA F 107 40.44 12.59 -33.34
C ALA F 107 39.13 13.29 -33.43
N ALA F 108 38.57 13.68 -32.27
CA ALA F 108 37.30 14.41 -32.32
C ALA F 108 37.37 15.70 -33.17
N MET F 109 38.43 16.48 -32.95
CA MET F 109 38.63 17.70 -33.68
C MET F 109 38.79 17.43 -35.18
N THR F 110 39.67 16.47 -35.50
CA THR F 110 39.96 16.09 -36.90
C THR F 110 38.67 15.61 -37.57
N ASN F 111 37.83 14.87 -36.85
CA ASN F 111 36.52 14.51 -37.42
C ASN F 111 35.40 15.54 -37.32
N GLN F 112 35.66 16.77 -36.83
CA GLN F 112 34.61 17.74 -36.67
C GLN F 112 33.45 17.22 -35.80
N ASP F 113 33.79 16.46 -34.75
CA ASP F 113 32.82 15.95 -33.85
C ASP F 113 32.87 16.87 -32.58
N TYR F 114 32.12 17.96 -32.62
CA TYR F 114 32.12 18.96 -31.53
C TYR F 114 31.39 18.46 -30.27
N PRO F 115 30.35 17.59 -30.41
CA PRO F 115 29.73 17.01 -29.21
C PRO F 115 30.70 16.20 -28.44
N THR F 116 31.45 15.36 -29.16
CA THR F 116 32.45 14.54 -28.46
C THR F 116 33.64 15.33 -27.87
N PHE F 117 34.17 16.30 -28.62
CA PHE F 117 35.21 17.14 -28.04
C PHE F 117 34.69 17.83 -26.78
N ASN F 118 33.44 18.29 -26.83
CA ASN F 118 32.85 18.90 -25.67
C ASN F 118 32.77 17.87 -24.50
N PHE F 119 32.24 16.66 -24.75
CA PHE F 119 32.18 15.68 -23.67
C PHE F 119 33.51 15.32 -23.09
N LEU F 120 34.52 15.27 -23.96
CA LEU F 120 35.84 14.91 -23.46
C LEU F 120 36.51 15.94 -22.53
N GLN F 121 36.05 17.19 -22.52
CA GLN F 121 36.64 18.20 -21.65
C GLN F 121 36.63 17.87 -20.13
N TRP F 122 35.59 17.17 -19.72
CA TRP F 122 35.48 16.69 -18.37
C TRP F 122 36.70 15.85 -18.10
N TYR F 123 37.10 14.98 -19.01
CA TYR F 123 38.27 14.09 -18.83
C TYR F 123 39.57 14.81 -18.94
N VAL F 124 39.66 15.79 -19.85
CA VAL F 124 40.87 16.54 -19.97
C VAL F 124 41.17 17.17 -18.61
N SER F 125 40.16 17.74 -18.02
CA SER F 125 40.29 18.37 -16.71
C SER F 125 40.50 17.33 -15.55
N GLU F 126 39.72 16.24 -15.52
CA GLU F 126 39.93 15.21 -14.55
C GLU F 126 41.36 14.68 -14.60
N GLN F 127 41.91 14.47 -15.78
CA GLN F 127 43.24 13.90 -15.87
C GLN F 127 44.35 14.82 -15.39
N HIS F 128 44.21 16.11 -15.64
CA HIS F 128 45.10 17.08 -15.02
C HIS F 128 45.02 16.90 -13.46
N GLU F 129 43.85 16.80 -12.89
CA GLU F 129 43.79 16.59 -11.40
C GLU F 129 44.39 15.23 -10.96
N GLU F 130 44.19 14.18 -11.77
CA GLU F 130 44.72 12.83 -11.46
C GLU F 130 46.23 12.85 -11.46
N GLU F 131 46.81 13.52 -12.44
CA GLU F 131 48.25 13.52 -12.49
C GLU F 131 48.85 14.20 -11.32
N LYS F 132 48.26 15.31 -10.88
CA LYS F 132 48.75 15.99 -9.70
C LYS F 132 48.69 15.09 -8.48
N LEU F 133 47.56 14.42 -8.33
CA LEU F 133 47.35 13.57 -7.19
C LEU F 133 48.40 12.48 -7.15
N PHE F 134 48.55 11.76 -8.25
CA PHE F 134 49.47 10.67 -8.22
C PHE F 134 50.93 11.06 -8.16
N LYS F 135 51.28 12.19 -8.75
CA LYS F 135 52.63 12.72 -8.66
C LYS F 135 52.96 13.10 -7.19
N SER F 136 52.01 13.71 -6.49
CA SER F 136 52.25 14.12 -5.13
C SER F 136 52.49 12.92 -4.20
N ILE F 137 51.92 11.75 -4.51
CA ILE F 137 52.16 10.53 -3.71
C ILE F 137 53.58 10.05 -3.93
N ILE F 138 54.01 10.01 -5.17
CA ILE F 138 55.42 9.70 -5.47
C ILE F 138 56.43 10.68 -4.80
N ASP F 139 56.08 11.96 -4.77
CA ASP F 139 56.90 12.96 -4.13
C ASP F 139 57.00 12.71 -2.62
N LYS F 140 55.87 12.43 -1.95
CA LYS F 140 55.89 12.02 -0.52
C LYS F 140 56.80 10.85 -0.26
N LEU F 141 56.68 9.80 -1.09
CA LEU F 141 57.54 8.66 -1.02
C LEU F 141 59.01 8.93 -1.27
N SER F 142 59.37 9.77 -2.28
CA SER F 142 60.81 10.19 -2.47
C SER F 142 61.35 10.94 -1.29
N LEU F 143 60.56 11.81 -0.73
CA LEU F 143 61.01 12.63 0.39
C LEU F 143 61.17 11.84 1.70
N ALA F 144 60.11 11.14 2.12
CA ALA F 144 60.02 10.48 3.44
C ALA F 144 59.95 8.94 3.38
N GLY F 145 59.99 8.36 2.20
CA GLY F 145 59.68 6.95 2.08
C GLY F 145 60.83 5.99 2.29
N LYS F 146 62.01 6.47 2.71
CA LYS F 146 63.23 5.61 2.74
C LYS F 146 63.44 4.87 4.06
N SER F 147 62.53 5.05 5.01
CA SER F 147 62.56 4.33 6.25
C SER F 147 61.20 3.76 6.54
N GLY F 148 61.19 2.80 7.48
CA GLY F 148 59.97 2.21 7.95
C GLY F 148 59.09 3.25 8.59
N GLU F 149 59.71 4.14 9.33
CA GLU F 149 58.98 5.15 10.06
C GLU F 149 58.29 6.13 9.07
N GLY F 150 59.02 6.55 8.04
CA GLY F 150 58.44 7.44 7.08
C GLY F 150 57.32 6.78 6.30
N LEU F 151 57.52 5.52 5.91
CA LEU F 151 56.47 4.72 5.28
C LEU F 151 55.24 4.66 6.12
N TYR F 152 55.42 4.52 7.43
CA TYR F 152 54.30 4.47 8.39
C TYR F 152 53.50 5.76 8.32
N PHE F 153 54.20 6.87 8.26
CA PHE F 153 53.48 8.12 8.17
C PHE F 153 52.83 8.38 6.84
N ILE F 154 53.50 7.97 5.76
CA ILE F 154 52.90 8.11 4.45
C ILE F 154 51.63 7.27 4.38
N ASP F 155 51.72 6.04 4.87
CA ASP F 155 50.59 5.16 4.87
C ASP F 155 49.43 5.82 5.62
N LYS F 156 49.72 6.42 6.77
CA LYS F 156 48.72 7.17 7.50
C LYS F 156 48.05 8.30 6.75
N GLU F 157 48.87 9.11 6.11
CA GLU F 157 48.36 10.16 5.27
C GLU F 157 47.50 9.59 4.13
N LEU F 158 47.95 8.46 3.56
CA LEU F 158 47.24 7.90 2.41
C LEU F 158 45.81 7.48 2.85
N SER F 159 45.67 7.12 4.13
CA SER F 159 44.46 6.48 4.59
C SER F 159 43.27 7.42 4.49
N THR F 160 43.54 8.71 4.51
CA THR F 160 42.49 9.73 4.36
C THR F 160 42.77 10.74 3.25
N LEU F 161 43.83 10.54 2.49
CA LEU F 161 44.11 11.40 1.34
C LEU F 161 42.95 11.50 0.35
N ASP F 162 42.64 12.74 -0.07
CA ASP F 162 41.67 13.04 -1.15
C ASP F 162 40.24 12.59 -0.84
N THR F 163 39.87 12.63 0.42
CA THR F 163 38.48 12.47 0.83
C THR F 163 37.93 13.86 1.21
FE1 OFO G . 23.16 -11.11 -7.43
O OFO G . 24.40 -12.05 -6.20
FE2 OFO G . 26.18 -11.31 -5.88
OH OFO G . 26.33 -12.85 -4.12
S SO4 H . 44.45 -15.21 -16.05
O1 SO4 H . 43.28 -14.81 -15.26
O2 SO4 H . 43.84 -16.40 -16.65
O3 SO4 H . 44.69 -14.15 -17.06
O4 SO4 H . 45.65 -15.31 -15.25
C1 GOL I . 30.60 -2.30 -12.63
O1 GOL I . 29.75 -2.99 -13.52
C2 GOL I . 29.95 -1.00 -12.21
O2 GOL I . 29.25 -0.45 -13.34
C3 GOL I . 29.01 -1.27 -11.03
O3 GOL I . 28.73 -0.09 -10.29
C1 GOL J . 34.50 -9.63 5.98
O1 GOL J . 33.95 -8.94 4.82
C2 GOL J . 35.34 -8.65 6.79
O2 GOL J . 35.28 -8.70 8.24
C3 GOL J . 36.78 -8.90 6.45
O3 GOL J . 37.08 -10.26 6.36
C1 GOL K . 9.95 -9.14 -23.97
O1 GOL K . 8.69 -9.45 -23.30
C2 GOL K . 9.98 -8.60 -25.45
O2 GOL K . 8.85 -8.78 -26.36
C3 GOL K . 10.36 -7.11 -25.55
O3 GOL K . 11.73 -7.09 -25.80
C1 GOL L . 34.46 -13.99 9.37
O1 GOL L . 34.24 -15.13 10.14
C2 GOL L . 33.20 -13.16 9.27
O2 GOL L . 32.69 -12.88 10.56
C3 GOL L . 33.58 -11.91 8.53
O3 GOL L . 32.37 -11.53 7.82
FE1 OFO M . -21.95 23.13 -14.07
O OFO M . -22.65 24.94 -14.08
FE2 OFO M . -23.58 25.61 -12.47
OH OFO M . -23.33 27.70 -13.38
C1 GOL N . -27.63 17.66 -4.25
O1 GOL N . -27.40 16.92 -5.41
C2 GOL N . -26.57 17.44 -3.19
O2 GOL N . -26.05 16.08 -3.04
C3 GOL N . -25.42 18.37 -3.54
O3 GOL N . -24.29 17.88 -2.83
C1 GOL O . -22.38 42.86 -6.87
O1 GOL O . -21.75 41.71 -6.29
C2 GOL O . -21.86 43.17 -8.25
O2 GOL O . -20.69 42.40 -8.52
C3 GOL O . -22.86 42.93 -9.34
O3 GOL O . -24.12 43.51 -9.01
FE1 OFO P . 6.97 -20.36 21.52
O OFO P . 7.87 -20.73 19.98
FE2 OFO P . 7.11 -20.49 18.13
OH OFO P . 9.07 -21.01 17.29
S SO4 Q . -5.40 -32.61 6.76
O1 SO4 Q . -5.61 -31.28 7.31
O2 SO4 Q . -6.60 -33.04 5.99
O3 SO4 Q . -4.27 -32.45 5.81
O4 SO4 Q . -5.11 -33.56 7.87
C1 GOL R . -4.01 -17.11 18.19
O1 GOL R . -5.13 -17.90 18.03
C2 GOL R . -4.40 -15.73 17.77
O2 GOL R . -5.50 -15.21 18.59
C3 GOL R . -3.15 -14.89 17.93
O3 GOL R . -3.41 -13.68 18.66
C1 GOL S . -2.55 -30.74 14.36
O1 GOL S . -3.21 -30.39 15.55
C2 GOL S . -1.77 -29.54 13.81
O2 GOL S . -0.41 -29.64 14.28
C3 GOL S . -1.81 -29.56 12.26
O3 GOL S . -2.40 -28.38 11.64
C1 GOL T . 12.08 -15.13 5.69
O1 GOL T . 10.83 -15.60 6.29
C2 GOL T . 11.81 -14.73 4.23
O2 GOL T . 12.85 -13.97 3.48
C3 GOL T . 11.48 -16.07 3.62
O3 GOL T . 11.37 -15.95 2.20
C1 GOL U . 17.04 -18.18 3.75
O1 GOL U . 18.38 -18.29 3.47
C2 GOL U . 16.92 -17.10 4.82
O2 GOL U . 17.96 -16.11 4.86
C3 GOL U . 15.65 -16.34 4.57
O3 GOL U . 15.19 -15.92 5.87
FE1 OFO V . -14.45 -10.75 7.11
O OFO V . -15.60 -10.67 8.52
FE2 OFO V . -14.85 -11.41 10.37
OH OFO V . -16.63 -10.61 11.34
S SO4 W . -12.76 -3.74 7.08
O1 SO4 W . -13.37 -2.74 8.02
O2 SO4 W . -13.92 -4.41 6.45
O3 SO4 W . -11.93 -3.08 6.04
O4 SO4 W . -11.88 -4.69 7.83
C1 GOL X . -3.98 -16.60 9.80
O1 GOL X . -4.71 -17.37 10.72
C2 GOL X . -3.05 -15.72 10.65
O2 GOL X . -1.79 -15.51 9.96
C3 GOL X . -3.72 -14.39 10.96
O3 GOL X . -2.77 -13.33 10.85
C1 GOL Y . 4.11 -8.71 -9.54
O1 GOL Y . 3.05 -9.35 -10.31
C2 GOL Y . 4.71 -9.74 -8.57
O2 GOL Y . 5.02 -10.86 -9.38
C3 GOL Y . 5.99 -9.44 -7.74
O3 GOL Y . 5.81 -8.75 -6.46
C1 GOL Z . -14.96 -7.52 24.45
O1 GOL Z . -15.12 -7.76 23.03
C2 GOL Z . -16.26 -7.23 25.20
O2 GOL Z . -16.22 -7.99 26.46
C3 GOL Z . -16.29 -5.74 25.50
O3 GOL Z . -15.68 -5.39 26.78
C1 GOL AA . -20.64 -3.08 24.90
O1 GOL AA . -19.51 -2.80 24.06
C2 GOL AA . -21.04 -4.53 24.71
O2 GOL AA . -19.89 -5.33 25.07
C3 GOL AA . -22.32 -4.68 25.52
O3 GOL AA . -22.52 -5.97 25.99
FE1 OFO BA . -33.55 17.78 10.39
O OFO BA . -33.37 15.87 10.04
FE2 OFO BA . -32.60 15.12 8.41
OH OFO BA . -32.72 13.09 9.44
S SO4 CA . -41.74 11.07 -10.16
O1 SO4 CA . -41.69 12.18 -11.13
O2 SO4 CA . -43.08 10.67 -9.74
O3 SO4 CA . -41.15 11.48 -8.88
O4 SO4 CA . -41.02 9.98 -10.81
C1 GOL DA . -30.60 23.61 -0.11
O1 GOL DA . -31.06 22.34 0.01
C2 GOL DA . -29.14 23.52 -0.47
O2 GOL DA . -28.60 24.87 -0.46
C3 GOL DA . -28.36 22.70 0.55
O3 GOL DA . -27.29 23.49 1.11
C1 GOL EA . -31.70 -8.25 5.20
O1 GOL EA . -31.89 -9.62 4.86
C2 GOL EA . -30.25 -7.81 4.96
O2 GOL EA . -30.08 -6.35 5.13
C3 GOL EA . -29.37 -8.73 5.84
O3 GOL EA . -28.02 -8.96 5.27
C1 GOL FA . -30.68 10.57 24.55
O1 GOL FA . -31.49 9.72 23.73
C2 GOL FA . -29.24 10.19 24.37
O2 GOL FA . -29.26 9.87 22.99
C3 GOL FA . -28.34 11.30 24.95
O3 GOL FA . -27.43 10.71 25.90
FE1 OFO GA . 42.56 7.92 -12.92
O OFO GA . 41.58 8.48 -14.40
FE2 OFO GA . 39.85 7.66 -15.01
OH OFO GA . 39.73 9.28 -16.56
C1 GOL HA . 36.19 -2.29 -9.14
O1 GOL HA . 37.63 -2.21 -9.00
C2 GOL HA . 35.47 -1.86 -7.89
O2 GOL HA . 35.94 -2.61 -6.74
C3 GOL HA . 35.67 -0.36 -7.77
O3 GOL HA . 35.00 0.10 -6.60
C1 GOL IA . 30.29 13.46 -35.94
O1 GOL IA . 31.54 13.71 -36.65
C2 GOL IA . 29.32 14.67 -35.94
O2 GOL IA . 28.27 14.48 -36.88
C3 GOL IA . 28.59 14.93 -34.63
O3 GOL IA . 28.69 13.83 -33.70
C1 GOL JA . 28.47 17.20 -24.78
O1 GOL JA . 28.07 16.47 -25.95
C2 GOL JA . 27.68 16.76 -23.55
O2 GOL JA . 27.68 15.37 -23.26
C3 GOL JA . 28.29 17.16 -22.24
O3 GOL JA . 28.21 15.96 -21.39
C1 GOL KA . 32.45 18.31 -20.57
O1 GOL KA . 33.61 18.81 -19.96
C2 GOL KA . 31.42 19.19 -19.91
O2 GOL KA . 31.44 20.44 -20.67
C3 GOL KA . 30.06 18.46 -19.90
O3 GOL KA . 29.19 19.15 -20.80
C1 GOL LA . 50.15 18.01 -18.95
O1 GOL LA . 49.51 19.21 -19.45
C2 GOL LA . 49.31 17.60 -17.73
O2 GOL LA . 48.62 18.76 -17.21
C3 GOL LA . 48.20 16.59 -18.10
O3 GOL LA . 46.92 17.13 -17.80
#